data_6FTN
#
_entry.id   6FTN
#
_cell.length_a   141.227
_cell.length_b   65.012
_cell.length_c   116.341
_cell.angle_alpha   90.00
_cell.angle_beta   103.38
_cell.angle_gamma   90.00
#
_symmetry.space_group_name_H-M   'C 1 2 1'
#
loop_
_entity.id
_entity.type
_entity.pdbx_description
1 polymer 'Phosphor inositol 3 kinase'
2 non-polymer ~{N}-[5-[2-[(1~{S})-1-cyclopropylethyl]-7-methyl-1-oxidanylidene-3~{H}-isoindol-5-yl]-4-methyl-1,3-thiazol-2-yl]ethanamide
3 water water
#
_entity_poly.entity_id   1
_entity_poly.type   'polypeptide(L)'
_entity_poly.pdbx_seq_one_letter_code
;GDRVKKLINSQISLLIGKGLHEFDSLRDPEVNDFRTKMRQFCEEAAAHRQQLGWVEWLQYSFPLQLEPSARGWRAGLLRV
SNRALLVNVKFEGSEESFTFQVSTKDMPLALMACALRKKATVFRQPLVEQPEEYALQVNGRHEYLYGNYPLCHFQYICSC
LHSGLTPHLTMVHSSSILAMRDEQSNPAPQVQKPRAKPPPIPAKKPSSVSLWSLEQPFSIELIEGRKVNADERMKLVVQA
GLFHGNEMLCKTVSSSEVNVCSEPVWKQRLEFDISVCDLPRMARLCFALYAVVEKAKKARSTKKKSKKADCPIAWANLML
FDYKDQLKTGERCLYMWPSVPDEKGELLNPAGTVRGNPNTESAAALVIYLPEVAPHPVYFPALEKILELGRHGERGRITE
EEQLQLREILERRGSGELYEHEKDLVWKMRHEVQEHFPEALARLLLVTKWNKHEDVAQMLYLLCSWPELPVLSALELLDF
SFPDCYVGSFAIKSLRKLTDDELFQYLLQLVQVLKYESYLDCELTKFLLGRALANRKIGHFLFWHLRSEMHVPSVALRFG
LIMEAYCRGSTHHMKVLMKQGEALSKLKALNDFVKVSSQKTTKPQTKEMMHMCMRQETYMEALSHLQSPLDPSTLLEEVC
VEQCTFMDSKMKPLWIMYSSEEAGSAGNVGIIFKNGDDLRQDMLTLQMIQLMDVLWKQEGLDLRMTPYGCLPTGDRTGLI
EVVLHSDTIANIQLNKSNMAATAAFNKDALLNWLKSKNPGEALDRAIEEFTLSCAGYCVATYVLGIGDRHSDNIMIRESG
QLFHIDFGHFLGNFKTKFGINRERVPFILTYDFVHVIQQGKTNNSEKFERFRGYCERAYTILRRHGLLFLHLFALMRAAG
LPELSCSKDIQYLKDSLALGKTEEEALKHFRVKFNEALRESWKTKVNWLAHNVSKDNRQ
;
_entity_poly.pdbx_strand_id   A
#
loop_
_chem_comp.id
_chem_comp.type
_chem_comp.name
_chem_comp.formula
E78 non-polymer ~{N}-[5-[2-[(1~{S})-1-cyclopropylethyl]-7-methyl-1-oxidanylidene-3~{H}-isoindol-5-yl]-4-methyl-1,3-thiazol-2-yl]ethanamide 'C20 H23 N3 O2 S'
#
# COMPACT_ATOMS: atom_id res chain seq x y z
N VAL A 4 13.02 6.33 -32.51
CA VAL A 4 13.40 5.99 -31.10
C VAL A 4 12.58 6.81 -30.12
N LYS A 5 12.44 8.11 -30.40
CA LYS A 5 11.52 8.96 -29.67
C LYS A 5 10.08 8.42 -29.84
N LYS A 6 9.74 8.09 -31.09
CA LYS A 6 8.46 7.44 -31.40
C LYS A 6 8.32 6.10 -30.68
N LEU A 7 9.39 5.29 -30.74
CA LEU A 7 9.37 3.95 -30.14
C LEU A 7 9.07 4.00 -28.64
N ILE A 8 9.73 4.91 -27.92
CA ILE A 8 9.52 5.06 -26.47
C ILE A 8 8.06 5.36 -26.15
N ASN A 9 7.44 6.25 -26.94
CA ASN A 9 6.02 6.56 -26.76
C ASN A 9 5.12 5.34 -26.91
N SER A 10 5.37 4.53 -27.94
CA SER A 10 4.59 3.29 -28.15
C SER A 10 4.84 2.28 -27.03
N GLN A 11 6.05 2.26 -26.50
CA GLN A 11 6.42 1.36 -25.40
C GLN A 11 5.77 1.78 -24.09
N ILE A 12 5.73 3.09 -23.82
CA ILE A 12 5.02 3.62 -22.64
C ILE A 12 3.52 3.32 -22.77
N SER A 13 2.96 3.56 -23.95
CA SER A 13 1.55 3.30 -24.22
C SER A 13 1.15 1.85 -23.92
N LEU A 14 1.95 0.91 -24.39
CA LEU A 14 1.71 -0.51 -24.15
C LEU A 14 1.84 -0.84 -22.66
N LEU A 15 2.83 -0.26 -21.99
CA LEU A 15 3.11 -0.55 -20.59
C LEU A 15 1.99 -0.09 -19.65
N ILE A 16 1.52 1.15 -19.83
CA ILE A 16 0.52 1.72 -18.92
C ILE A 16 -0.91 1.31 -19.28
N GLY A 17 -1.10 0.73 -20.46
CA GLY A 17 -2.41 0.27 -20.90
C GLY A 17 -3.30 1.38 -21.45
N LYS A 18 -2.68 2.45 -21.93
CA LYS A 18 -3.41 3.62 -22.43
C LYS A 18 -2.53 4.37 -23.43
N GLY A 19 -3.03 4.55 -24.65
CA GLY A 19 -2.28 5.26 -25.69
C GLY A 19 -2.02 6.70 -25.32
N LEU A 20 -0.77 7.15 -25.46
CA LEU A 20 -0.41 8.54 -25.16
C LEU A 20 -1.17 9.52 -26.04
N HIS A 21 -1.55 9.09 -27.24
CA HIS A 21 -2.38 9.90 -28.14
C HIS A 21 -3.70 10.34 -27.50
N GLU A 22 -4.23 9.53 -26.58
CA GLU A 22 -5.48 9.83 -25.89
C GLU A 22 -5.36 11.03 -24.94
N PHE A 23 -4.16 11.28 -24.41
CA PHE A 23 -3.93 12.47 -23.60
C PHE A 23 -4.03 13.74 -24.44
N ASP A 24 -3.46 13.70 -25.64
CA ASP A 24 -3.52 14.85 -26.56
C ASP A 24 -4.94 15.17 -26.99
N SER A 25 -5.74 14.13 -27.24
CA SER A 25 -7.12 14.28 -27.72
C SER A 25 -8.06 14.96 -26.73
N LEU A 26 -7.70 14.97 -25.45
CA LEU A 26 -8.49 15.67 -24.43
C LEU A 26 -8.42 17.19 -24.60
N ARG A 27 -7.32 17.68 -25.16
CA ARG A 27 -7.11 19.12 -25.38
C ARG A 27 -7.20 19.88 -24.05
N ASP A 28 -6.69 19.27 -22.99
CA ASP A 28 -6.80 19.80 -21.64
C ASP A 28 -5.49 20.51 -21.25
N PRO A 29 -5.56 21.83 -20.99
CA PRO A 29 -4.36 22.57 -20.57
C PRO A 29 -3.70 22.04 -19.30
N GLU A 30 -4.51 21.61 -18.32
CA GLU A 30 -3.98 21.05 -17.08
C GLU A 30 -3.19 19.77 -17.34
N VAL A 31 -3.72 18.92 -18.22
CA VAL A 31 -3.04 17.69 -18.61
C VAL A 31 -1.73 18.01 -19.33
N ASN A 32 -1.81 18.93 -20.29
CA ASN A 32 -0.63 19.35 -21.06
C ASN A 32 0.48 19.91 -20.17
N ASP A 33 0.08 20.72 -19.19
CA ASP A 33 1.04 21.35 -18.27
C ASP A 33 1.63 20.32 -17.31
N PHE A 34 0.83 19.35 -16.87
CA PHE A 34 1.33 18.28 -16.00
C PHE A 34 2.41 17.48 -16.73
N ARG A 35 2.09 17.04 -17.94
CA ARG A 35 2.99 16.21 -18.73
C ARG A 35 4.32 16.89 -19.00
N THR A 36 4.28 18.16 -19.38
CA THR A 36 5.51 18.91 -19.69
C THR A 36 6.34 19.19 -18.44
N LYS A 37 5.66 19.59 -17.37
CA LYS A 37 6.35 19.92 -16.12
C LYS A 37 7.02 18.69 -15.49
N MET A 38 6.25 17.61 -15.35
CA MET A 38 6.75 16.40 -14.69
C MET A 38 7.77 15.64 -15.55
N ARG A 39 7.63 15.71 -16.87
CA ARG A 39 8.64 15.13 -17.75
C ARG A 39 9.99 15.78 -17.50
N GLN A 40 9.97 17.11 -17.39
CA GLN A 40 11.17 17.89 -17.10
C GLN A 40 11.73 17.52 -15.72
N PHE A 41 10.84 17.39 -14.74
CA PHE A 41 11.23 16.98 -13.39
C PHE A 41 11.88 15.59 -13.37
N CYS A 42 11.28 14.64 -14.06
CA CYS A 42 11.76 13.25 -14.07
C CYS A 42 13.03 13.07 -14.91
N GLU A 43 13.14 13.81 -16.00
CA GLU A 43 14.36 13.78 -16.83
C GLU A 43 15.55 14.41 -16.11
N GLU A 44 15.29 15.41 -15.26
CA GLU A 44 16.32 15.99 -14.40
C GLU A 44 16.81 14.98 -13.36
N ALA A 45 15.90 14.18 -12.83
CA ALA A 45 16.26 13.11 -11.90
C ALA A 45 17.13 12.07 -12.60
N ALA A 46 16.78 11.74 -13.84
CA ALA A 46 17.53 10.78 -14.65
C ALA A 46 18.97 11.25 -14.90
N ALA A 47 19.13 12.53 -15.22
CA ALA A 47 20.46 13.10 -15.45
C ALA A 47 21.32 12.99 -14.19
N HIS A 48 20.74 13.33 -13.05
CA HIS A 48 21.44 13.19 -11.76
C HIS A 48 21.83 11.74 -11.48
N ARG A 49 20.93 10.81 -11.80
CA ARG A 49 21.16 9.40 -11.52
C ARG A 49 22.31 8.80 -12.33
N GLN A 50 22.38 9.17 -13.61
CA GLN A 50 23.40 8.60 -14.50
C GLN A 50 24.83 9.06 -14.17
N GLN A 51 24.96 10.08 -13.33
CA GLN A 51 26.27 10.55 -12.88
C GLN A 51 26.55 10.24 -11.40
N LEU A 52 25.70 9.44 -10.77
CA LEU A 52 25.94 9.00 -9.39
C LEU A 52 27.26 8.23 -9.30
N GLY A 53 27.92 8.35 -8.15
CA GLY A 53 29.08 7.50 -7.85
C GLY A 53 28.61 6.07 -7.68
N TRP A 54 29.53 5.12 -7.78
CA TRP A 54 29.15 3.70 -7.82
C TRP A 54 28.46 3.23 -6.54
N VAL A 55 28.91 3.75 -5.39
CA VAL A 55 28.25 3.46 -4.10
C VAL A 55 26.85 4.05 -4.08
N GLU A 56 26.71 5.26 -4.61
CA GLU A 56 25.40 5.91 -4.69
C GLU A 56 24.46 5.16 -5.63
N TRP A 57 24.97 4.67 -6.75
CA TRP A 57 24.16 3.85 -7.66
C TRP A 57 23.70 2.56 -7.01
N LEU A 58 24.58 1.92 -6.22
CA LEU A 58 24.20 0.75 -5.43
C LEU A 58 22.99 1.07 -4.55
N GLN A 59 23.07 2.22 -3.88
CA GLN A 59 22.00 2.68 -3.00
C GLN A 59 20.71 2.97 -3.77
N TYR A 60 20.82 3.44 -5.00
CA TYR A 60 19.67 3.63 -5.86
C TYR A 60 19.04 2.29 -6.29
N SER A 61 19.86 1.43 -6.88
CA SER A 61 19.38 0.22 -7.54
C SER A 61 19.17 -0.95 -6.58
N PHE A 62 20.04 -1.05 -5.58
CA PHE A 62 19.99 -2.16 -4.62
C PHE A 62 19.98 -1.63 -3.19
N PRO A 63 18.90 -0.92 -2.82
CA PRO A 63 18.84 -0.36 -1.47
C PRO A 63 18.91 -1.44 -0.40
N LEU A 64 19.57 -1.13 0.72
CA LEU A 64 19.85 -2.13 1.76
C LEU A 64 18.58 -2.66 2.41
N GLN A 65 18.50 -3.98 2.52
CA GLN A 65 17.40 -4.63 3.23
C GLN A 65 17.91 -5.03 4.61
N LEU A 66 17.64 -4.19 5.60
CA LEU A 66 18.10 -4.42 6.96
C LEU A 66 16.95 -4.86 7.85
N GLU A 67 17.28 -5.53 8.95
CA GLU A 67 16.30 -5.90 9.98
C GLU A 67 15.80 -4.65 10.70
N PRO A 68 14.53 -4.65 11.16
CA PRO A 68 13.95 -3.50 11.86
C PRO A 68 14.69 -3.10 13.14
N ASN A 82 30.31 -12.20 18.20
CA ASN A 82 29.17 -12.69 18.96
C ASN A 82 28.98 -14.19 18.73
N ARG A 83 28.64 -14.57 17.49
CA ARG A 83 28.41 -15.97 17.15
C ARG A 83 28.93 -16.28 15.75
N ALA A 84 29.40 -17.51 15.56
CA ALA A 84 30.08 -17.90 14.31
C ALA A 84 29.10 -18.37 13.26
N LEU A 85 29.41 -18.08 11.99
CA LEU A 85 28.66 -18.63 10.87
C LEU A 85 29.57 -18.78 9.65
N LEU A 86 29.26 -19.78 8.82
CA LEU A 86 30.00 -20.02 7.58
C LEU A 86 29.39 -19.20 6.46
N VAL A 87 30.25 -18.63 5.60
CA VAL A 87 29.80 -17.89 4.43
C VAL A 87 30.65 -18.29 3.22
N ASN A 88 29.98 -18.56 2.11
CA ASN A 88 30.68 -18.86 0.86
C ASN A 88 30.80 -17.60 0.01
N VAL A 89 32.00 -17.34 -0.48
CA VAL A 89 32.26 -16.16 -1.30
C VAL A 89 33.00 -16.54 -2.58
N LYS A 90 32.61 -15.90 -3.68
CA LYS A 90 33.25 -16.09 -4.98
C LYS A 90 33.46 -14.73 -5.62
N PHE A 91 34.19 -14.69 -6.73
CA PHE A 91 34.36 -13.47 -7.51
C PHE A 91 33.53 -13.56 -8.79
N GLU A 92 33.08 -12.40 -9.28
CA GLU A 92 32.01 -12.31 -10.29
C GLU A 92 32.04 -13.39 -11.38
N GLY A 93 33.12 -13.45 -12.15
CA GLY A 93 33.27 -14.41 -13.24
C GLY A 93 34.22 -15.53 -12.90
N SER A 94 33.78 -16.45 -12.05
CA SER A 94 34.62 -17.57 -11.60
C SER A 94 33.79 -18.69 -10.98
N GLU A 95 34.16 -19.94 -11.30
CA GLU A 95 33.55 -21.11 -10.68
C GLU A 95 34.04 -21.29 -9.25
N GLU A 96 35.32 -21.05 -9.02
CA GLU A 96 35.95 -21.30 -7.72
C GLU A 96 35.46 -20.33 -6.65
N SER A 97 35.33 -20.84 -5.42
CA SER A 97 34.81 -20.08 -4.30
C SER A 97 35.51 -20.49 -3.00
N PHE A 98 35.36 -19.66 -1.97
CA PHE A 98 35.99 -19.91 -0.67
C PHE A 98 34.95 -19.84 0.43
N THR A 99 34.90 -20.86 1.29
CA THR A 99 34.01 -20.88 2.44
C THR A 99 34.76 -20.39 3.69
N PHE A 100 34.35 -19.23 4.20
CA PHE A 100 34.99 -18.61 5.36
C PHE A 100 34.16 -18.81 6.62
N GLN A 101 34.84 -18.84 7.76
CA GLN A 101 34.18 -18.74 9.06
C GLN A 101 34.34 -17.31 9.55
N VAL A 102 33.21 -16.63 9.77
CA VAL A 102 33.21 -15.26 10.28
C VAL A 102 32.24 -15.17 11.45
N SER A 103 32.21 -13.99 12.08
CA SER A 103 31.28 -13.73 13.18
C SER A 103 30.05 -12.98 12.66
N THR A 104 28.96 -13.08 13.41
CA THR A 104 27.73 -12.35 13.08
C THR A 104 27.89 -10.84 13.28
N LYS A 105 28.85 -10.45 14.12
CA LYS A 105 29.12 -9.03 14.38
C LYS A 105 30.10 -8.41 13.38
N ASP A 106 30.73 -9.22 12.54
CA ASP A 106 31.69 -8.71 11.55
C ASP A 106 31.00 -7.84 10.50
N MET A 107 31.75 -6.90 9.94
CA MET A 107 31.25 -6.03 8.87
C MET A 107 31.46 -6.70 7.52
N PRO A 108 30.75 -6.22 6.48
CA PRO A 108 31.03 -6.67 5.11
C PRO A 108 32.48 -6.45 4.70
N LEU A 109 33.05 -5.31 5.09
CA LEU A 109 34.43 -4.96 4.74
C LEU A 109 35.44 -5.99 5.23
N ALA A 110 35.22 -6.50 6.44
CA ALA A 110 36.07 -7.55 7.01
C ALA A 110 35.97 -8.83 6.20
N LEU A 111 34.75 -9.16 5.77
CA LEU A 111 34.50 -10.33 4.94
C LEU A 111 35.16 -10.17 3.56
N MET A 112 35.05 -8.97 2.99
CA MET A 112 35.66 -8.68 1.68
C MET A 112 37.18 -8.69 1.75
N ALA A 113 37.73 -8.27 2.89
CA ALA A 113 39.18 -8.32 3.11
C ALA A 113 39.68 -9.75 3.07
N CYS A 114 38.99 -10.65 3.79
CA CYS A 114 39.32 -12.08 3.78
C CYS A 114 39.31 -12.67 2.38
N ALA A 115 38.27 -12.35 1.63
CA ALA A 115 38.10 -12.84 0.25
C ALA A 115 39.27 -12.46 -0.64
N LEU A 116 39.71 -11.20 -0.54
CA LEU A 116 40.82 -10.70 -1.34
C LEU A 116 42.16 -11.32 -0.95
N ARG A 117 42.34 -11.62 0.33
CA ARG A 117 43.55 -12.29 0.82
C ARG A 117 43.62 -13.74 0.33
N LYS A 118 42.49 -14.43 0.31
CA LYS A 118 42.42 -15.80 -0.24
C LYS A 118 42.70 -15.82 -1.74
N LYS A 119 42.14 -14.84 -2.46
CA LYS A 119 42.35 -14.73 -3.90
C LYS A 119 43.83 -14.47 -4.22
N ALA A 120 44.47 -13.66 -3.38
CA ALA A 120 45.89 -13.33 -3.55
C ALA A 120 46.80 -14.55 -3.43
N THR A 121 46.44 -15.49 -2.55
CA THR A 121 47.22 -16.71 -2.36
C THR A 121 46.96 -17.76 -3.46
N VAL A 122 45.74 -17.78 -4.00
CA VAL A 122 45.38 -18.72 -5.07
C VAL A 122 45.90 -18.23 -6.43
N PHE A 123 45.78 -16.93 -6.69
CA PHE A 123 46.33 -16.31 -7.91
C PHE A 123 47.81 -15.96 -7.79
N ARG A 124 48.41 -16.22 -6.62
CA ARG A 124 49.80 -15.86 -6.32
C ARG A 124 50.05 -14.35 -6.48
N GLN A 125 49.01 -13.55 -6.23
CA GLN A 125 49.06 -12.10 -6.39
C GLN A 125 49.53 -11.70 -7.80
N GLN A 130 42.06 -4.22 -2.65
CA GLN A 130 41.46 -3.12 -1.90
C GLN A 130 39.98 -3.41 -1.59
N PRO A 131 39.66 -3.74 -0.32
CA PRO A 131 38.29 -4.05 0.09
C PRO A 131 37.23 -2.98 -0.22
N GLU A 132 37.65 -1.71 -0.19
CA GLU A 132 36.74 -0.59 -0.40
C GLU A 132 36.20 -0.50 -1.84
N GLU A 133 36.82 -1.24 -2.76
CA GLU A 133 36.44 -1.20 -4.17
C GLU A 133 35.33 -2.20 -4.55
N TYR A 134 34.75 -2.86 -3.55
CA TYR A 134 33.85 -3.99 -3.79
C TYR A 134 32.53 -3.91 -3.04
N ALA A 135 31.55 -4.66 -3.55
CA ALA A 135 30.29 -4.90 -2.83
C ALA A 135 29.96 -6.39 -2.93
N LEU A 136 29.28 -6.91 -1.92
CA LEU A 136 28.93 -8.33 -1.85
C LEU A 136 27.51 -8.55 -2.38
N GLN A 137 27.40 -9.18 -3.54
CA GLN A 137 26.10 -9.52 -4.11
C GLN A 137 25.60 -10.83 -3.53
N VAL A 138 24.31 -10.91 -3.25
CA VAL A 138 23.69 -12.18 -2.91
C VAL A 138 23.56 -12.96 -4.21
N ASN A 139 24.13 -14.17 -4.25
CA ASN A 139 24.19 -14.95 -5.49
C ASN A 139 22.81 -15.08 -6.14
N GLY A 140 22.75 -14.73 -7.43
CA GLY A 140 21.54 -14.85 -8.22
C GLY A 140 20.38 -13.94 -7.83
N ARG A 141 20.68 -12.86 -7.10
CA ARG A 141 19.66 -11.88 -6.71
C ARG A 141 20.15 -10.46 -6.96
N HIS A 142 19.22 -9.52 -7.16
CA HIS A 142 19.55 -8.09 -7.17
C HIS A 142 19.48 -7.55 -5.74
N GLU A 143 20.39 -8.04 -4.91
CA GLU A 143 20.49 -7.64 -3.52
C GLU A 143 21.96 -7.65 -3.15
N TYR A 144 22.38 -6.64 -2.39
CA TYR A 144 23.78 -6.47 -2.03
C TYR A 144 23.97 -6.23 -0.55
N LEU A 145 25.09 -6.70 -0.03
CA LEU A 145 25.51 -6.41 1.34
C LEU A 145 26.64 -5.38 1.29
N TYR A 146 26.43 -4.25 1.95
CA TYR A 146 27.44 -3.20 2.05
C TYR A 146 27.14 -2.26 3.21
N GLY A 147 28.06 -1.34 3.48
CA GLY A 147 27.89 -0.36 4.55
C GLY A 147 28.39 -0.84 5.90
N ASN A 148 28.39 0.07 6.88
CA ASN A 148 28.86 -0.21 8.23
C ASN A 148 27.76 -0.83 9.10
N TYR A 149 27.41 -2.07 8.79
CA TYR A 149 26.42 -2.82 9.56
C TYR A 149 26.94 -4.23 9.79
N PRO A 150 26.75 -4.78 11.00
CA PRO A 150 27.17 -6.16 11.22
C PRO A 150 26.33 -7.12 10.40
N LEU A 151 26.92 -8.25 9.98
CA LEU A 151 26.26 -9.19 9.08
C LEU A 151 24.84 -9.56 9.51
N CYS A 152 24.61 -9.71 10.81
CA CYS A 152 23.29 -10.09 11.31
C CYS A 152 22.24 -8.96 11.26
N HIS A 153 22.63 -7.76 10.84
CA HIS A 153 21.67 -6.67 10.59
C HIS A 153 21.01 -6.75 9.21
N PHE A 154 21.61 -7.54 8.31
CA PHE A 154 21.06 -7.73 6.96
C PHE A 154 20.02 -8.84 6.96
N GLN A 155 18.91 -8.61 6.27
CA GLN A 155 17.78 -9.56 6.26
C GLN A 155 18.16 -10.91 5.65
N TYR A 156 18.99 -10.90 4.61
CA TYR A 156 19.44 -12.12 3.97
C TYR A 156 20.23 -13.01 4.94
N ILE A 157 21.14 -12.39 5.70
CA ILE A 157 21.96 -13.13 6.67
C ILE A 157 21.10 -13.67 7.80
N CYS A 158 20.20 -12.83 8.33
CA CYS A 158 19.26 -13.27 9.36
C CYS A 158 18.38 -14.41 8.88
N SER A 159 17.90 -14.30 7.63
CA SER A 159 17.11 -15.36 7.01
C SER A 159 17.89 -16.67 6.94
N CYS A 160 19.18 -16.58 6.61
CA CYS A 160 20.05 -17.76 6.54
C CYS A 160 20.28 -18.39 7.91
N LEU A 161 20.43 -17.56 8.95
CA LEU A 161 20.64 -18.05 10.32
C LEU A 161 19.44 -18.80 10.85
N HIS A 162 18.25 -18.23 10.69
CA HIS A 162 17.01 -18.85 11.18
C HIS A 162 16.66 -20.15 10.44
N SER A 163 16.98 -20.21 9.15
CA SER A 163 16.71 -21.40 8.34
C SER A 163 17.91 -22.36 8.30
N GLY A 164 19.03 -21.97 8.90
CA GLY A 164 20.21 -22.82 9.00
C GLY A 164 20.96 -23.02 7.69
N LEU A 165 20.80 -22.09 6.74
CA LEU A 165 21.45 -22.19 5.43
C LEU A 165 22.73 -21.37 5.41
N THR A 166 23.63 -21.69 4.47
CA THR A 166 24.89 -20.97 4.31
C THR A 166 24.70 -19.79 3.37
N PRO A 167 25.07 -18.57 3.81
CA PRO A 167 25.06 -17.44 2.88
C PRO A 167 26.04 -17.63 1.72
N HIS A 168 25.58 -17.37 0.50
CA HIS A 168 26.42 -17.41 -0.70
C HIS A 168 26.49 -16.01 -1.30
N LEU A 169 27.69 -15.45 -1.34
CA LEU A 169 27.91 -14.07 -1.78
C LEU A 169 28.93 -14.00 -2.90
N THR A 170 28.84 -12.93 -3.70
CA THR A 170 29.75 -12.71 -4.82
C THR A 170 30.40 -11.34 -4.74
N MET A 171 31.72 -11.30 -4.78
CA MET A 171 32.47 -10.05 -4.80
C MET A 171 32.30 -9.37 -6.15
N VAL A 172 31.71 -8.18 -6.15
CA VAL A 172 31.50 -7.40 -7.37
C VAL A 172 32.29 -6.10 -7.30
N HIS A 173 33.15 -5.88 -8.28
CA HIS A 173 34.04 -4.71 -8.31
C HIS A 173 33.30 -3.45 -8.74
N SER A 174 33.78 -2.30 -8.29
CA SER A 174 33.16 -1.00 -8.59
C SER A 174 32.98 -0.73 -10.09
N SER A 175 33.93 -1.20 -10.90
CA SER A 175 33.86 -1.04 -12.36
C SER A 175 32.69 -1.82 -12.97
N SER A 176 32.35 -2.97 -12.37
CA SER A 176 31.20 -3.74 -12.81
C SER A 176 29.89 -3.02 -12.48
N ILE A 177 29.86 -2.33 -11.34
CA ILE A 177 28.68 -1.58 -10.92
C ILE A 177 28.46 -0.36 -11.81
N LEU A 178 29.54 0.32 -12.16
CA LEU A 178 29.47 1.46 -13.08
C LEU A 178 29.02 1.06 -14.47
N ALA A 179 29.41 -0.14 -14.90
CA ALA A 179 28.94 -0.70 -16.18
C ALA A 179 27.42 -0.90 -16.17
N MET A 180 26.87 -1.25 -15.00
CA MET A 180 25.42 -1.36 -14.84
C MET A 180 24.76 0.02 -14.97
N ARG A 181 25.38 1.03 -14.36
CA ARG A 181 24.87 2.39 -14.43
C ARG A 181 24.83 2.88 -15.88
N ASP A 182 25.93 2.69 -16.60
CA ASP A 182 26.09 3.20 -17.96
C ASP A 182 25.10 2.56 -18.94
N GLU A 183 24.94 1.25 -18.87
CA GLU A 183 24.03 0.54 -19.78
C GLU A 183 22.55 0.90 -19.54
N GLN A 184 22.23 1.38 -18.34
CA GLN A 184 20.85 1.74 -17.99
C GLN A 184 20.58 3.24 -18.11
N SER A 185 21.17 3.89 -19.11
CA SER A 185 20.97 5.32 -19.34
C SER A 185 19.79 5.60 -20.27
N ASN A 186 19.28 6.83 -20.22
CA ASN A 186 18.12 7.22 -21.02
C ASN A 186 18.42 7.33 -22.51
N LEU A 211 -11.86 37.91 -5.65
CA LEU A 211 -10.90 38.24 -4.62
C LEU A 211 -11.63 38.76 -3.37
N TRP A 212 -10.93 39.49 -2.49
CA TRP A 212 -11.52 39.95 -1.23
C TRP A 212 -12.67 40.95 -1.41
N SER A 213 -12.74 41.56 -2.60
CA SER A 213 -13.75 42.58 -2.89
C SER A 213 -15.17 42.02 -3.07
N LEU A 214 -15.28 40.74 -3.42
CA LEU A 214 -16.56 40.15 -3.80
C LEU A 214 -17.38 39.72 -2.57
N GLU A 215 -18.31 40.57 -2.16
CA GLU A 215 -19.10 40.33 -0.96
C GLU A 215 -20.45 39.64 -1.21
N GLN A 216 -20.89 39.57 -2.48
CA GLN A 216 -22.19 38.97 -2.79
C GLN A 216 -22.20 37.47 -2.51
N PRO A 217 -23.40 36.89 -2.28
CA PRO A 217 -23.46 35.45 -2.03
C PRO A 217 -23.10 34.65 -3.29
N PHE A 218 -22.34 33.57 -3.12
CA PHE A 218 -22.02 32.70 -4.24
C PHE A 218 -23.30 32.06 -4.77
N SER A 219 -23.41 31.98 -6.09
CA SER A 219 -24.59 31.43 -6.73
C SER A 219 -24.27 30.86 -8.11
N ILE A 220 -25.16 30.00 -8.59
CA ILE A 220 -25.02 29.42 -9.93
C ILE A 220 -26.39 29.27 -10.57
N GLU A 221 -26.40 29.11 -11.90
CA GLU A 221 -27.61 28.75 -12.62
C GLU A 221 -27.55 27.28 -12.97
N LEU A 222 -28.57 26.53 -12.53
CA LEU A 222 -28.76 25.15 -12.97
C LEU A 222 -29.62 25.18 -14.23
N ILE A 223 -29.02 24.82 -15.36
CA ILE A 223 -29.70 24.93 -16.66
C ILE A 223 -30.57 23.69 -16.94
N GLU A 224 -29.94 22.55 -17.18
CA GLU A 224 -30.65 21.35 -17.63
C GLU A 224 -29.82 20.06 -17.47
N GLY A 225 -30.47 18.91 -17.68
CA GLY A 225 -29.81 17.60 -17.58
C GLY A 225 -30.10 16.69 -18.75
N ARG A 226 -29.54 15.47 -18.71
CA ARG A 226 -29.67 14.48 -19.78
C ARG A 226 -29.53 13.06 -19.20
N LYS A 227 -30.65 12.43 -18.84
CA LYS A 227 -30.60 11.22 -18.00
C LYS A 227 -31.68 10.17 -18.30
N VAL A 228 -31.64 9.07 -17.54
CA VAL A 228 -32.64 7.99 -17.61
C VAL A 228 -33.07 7.54 -16.21
N ASN A 229 -34.39 7.52 -15.97
CA ASN A 229 -34.96 7.01 -14.71
C ASN A 229 -36.48 6.81 -14.82
N ALA A 230 -37.08 6.23 -13.79
CA ALA A 230 -38.53 6.07 -13.72
C ALA A 230 -39.20 7.40 -13.39
N MET A 234 -42.49 9.80 -10.94
CA MET A 234 -41.51 10.46 -10.07
C MET A 234 -41.02 11.78 -10.67
N LYS A 235 -40.35 12.58 -9.84
CA LYS A 235 -39.79 13.86 -10.26
C LYS A 235 -38.30 13.92 -9.93
N LEU A 236 -37.59 14.86 -10.54
CA LEU A 236 -36.14 14.99 -10.39
C LEU A 236 -35.75 16.20 -9.54
N VAL A 237 -34.77 16.00 -8.68
CA VAL A 237 -34.27 17.04 -7.77
C VAL A 237 -32.74 17.02 -7.77
N VAL A 238 -32.14 18.20 -7.82
CA VAL A 238 -30.69 18.36 -7.77
C VAL A 238 -30.29 19.06 -6.47
N GLN A 239 -29.73 18.30 -5.53
CA GLN A 239 -29.15 18.88 -4.32
C GLN A 239 -27.74 19.36 -4.63
N ALA A 240 -27.38 20.52 -4.09
CA ALA A 240 -26.06 21.10 -4.29
C ALA A 240 -25.53 21.66 -2.97
N GLY A 241 -24.26 21.40 -2.69
CA GLY A 241 -23.63 21.89 -1.47
C GLY A 241 -22.19 22.30 -1.73
N LEU A 242 -21.71 23.28 -0.94
CA LEU A 242 -20.31 23.69 -0.98
C LEU A 242 -19.58 23.02 0.17
N PHE A 243 -18.47 22.38 -0.15
CA PHE A 243 -17.71 21.62 0.84
C PHE A 243 -16.26 22.07 0.90
N HIS A 244 -15.69 21.93 2.09
CA HIS A 244 -14.26 22.03 2.29
C HIS A 244 -13.82 20.75 2.98
N GLY A 245 -13.44 19.76 2.16
CA GLY A 245 -13.20 18.41 2.66
C GLY A 245 -14.53 17.75 2.99
N ASN A 246 -14.67 17.30 4.24
CA ASN A 246 -15.91 16.68 4.72
C ASN A 246 -16.95 17.71 5.17
N GLU A 247 -16.48 18.79 5.78
CA GLU A 247 -17.37 19.80 6.35
C GLU A 247 -17.97 20.72 5.28
N MET A 248 -19.22 21.13 5.50
CA MET A 248 -19.92 22.02 4.58
C MET A 248 -19.50 23.45 4.86
N LEU A 249 -19.40 24.26 3.81
CA LEU A 249 -19.09 25.69 3.96
C LEU A 249 -20.36 26.49 4.24
N CYS A 250 -21.51 25.89 3.95
CA CYS A 250 -22.82 26.47 4.26
C CYS A 250 -23.86 25.37 4.09
N LYS A 251 -25.12 25.68 4.37
CA LYS A 251 -26.19 24.69 4.19
C LYS A 251 -26.35 24.31 2.71
N THR A 252 -26.84 23.10 2.47
CA THR A 252 -27.10 22.64 1.10
C THR A 252 -28.37 23.28 0.58
N VAL A 253 -28.44 23.46 -0.75
CA VAL A 253 -29.62 24.03 -1.39
C VAL A 253 -30.12 23.10 -2.48
N SER A 254 -31.44 22.89 -2.49
CA SER A 254 -32.09 21.98 -3.43
C SER A 254 -32.72 22.73 -4.59
N SER A 255 -32.93 22.02 -5.70
CA SER A 255 -33.60 22.56 -6.87
C SER A 255 -35.11 22.33 -6.73
N SER A 256 -35.88 22.94 -7.62
CA SER A 256 -37.32 22.70 -7.68
C SER A 256 -37.58 21.35 -8.33
N GLU A 257 -38.72 20.74 -8.00
CA GLU A 257 -39.08 19.43 -8.53
C GLU A 257 -39.59 19.56 -9.98
N VAL A 258 -38.94 18.83 -10.89
CA VAL A 258 -39.36 18.75 -12.29
C VAL A 258 -39.63 17.30 -12.64
N ASN A 259 -40.56 17.05 -13.54
CA ASN A 259 -40.92 15.69 -13.97
C ASN A 259 -39.73 14.98 -14.61
N VAL A 260 -39.71 13.65 -14.49
CA VAL A 260 -38.65 12.81 -15.06
C VAL A 260 -38.54 13.00 -16.58
N CYS A 261 -39.64 13.39 -17.22
CA CYS A 261 -39.66 13.78 -18.64
C CYS A 261 -38.35 14.44 -19.09
N SER A 262 -37.87 14.07 -20.29
CA SER A 262 -36.66 14.66 -20.87
C SER A 262 -35.43 14.02 -20.14
N GLU A 263 -34.18 14.50 -20.22
CA GLU A 263 -33.69 15.78 -20.78
C GLU A 263 -34.19 17.02 -20.01
N PRO A 264 -34.27 16.91 -18.67
CA PRO A 264 -34.99 17.89 -17.84
C PRO A 264 -34.39 19.30 -17.87
N VAL A 265 -35.23 20.31 -17.64
CA VAL A 265 -34.83 21.71 -17.66
C VAL A 265 -35.18 22.39 -16.35
N TRP A 266 -34.30 23.28 -15.87
CA TRP A 266 -34.53 24.03 -14.64
C TRP A 266 -34.38 25.54 -14.88
N LYS A 267 -33.21 25.96 -15.36
CA LYS A 267 -32.90 27.37 -15.63
C LYS A 267 -33.16 28.28 -14.43
N GLN A 268 -32.86 27.81 -13.22
CA GLN A 268 -33.08 28.58 -11.99
C GLN A 268 -31.77 28.86 -11.27
N ARG A 269 -31.71 30.00 -10.59
CA ARG A 269 -30.55 30.35 -9.77
C ARG A 269 -30.59 29.59 -8.45
N LEU A 270 -29.46 28.99 -8.09
CA LEU A 270 -29.25 28.45 -6.76
C LEU A 270 -28.28 29.40 -6.04
N GLU A 271 -28.73 29.97 -4.93
CA GLU A 271 -27.92 30.92 -4.17
C GLU A 271 -27.47 30.28 -2.85
N PHE A 272 -26.20 30.41 -2.53
CA PHE A 272 -25.62 29.80 -1.34
C PHE A 272 -25.38 30.82 -0.23
N ASP A 273 -25.46 30.36 1.01
CA ASP A 273 -25.34 31.22 2.19
C ASP A 273 -23.87 31.41 2.59
N ILE A 274 -23.11 32.03 1.69
CA ILE A 274 -21.69 32.30 1.91
C ILE A 274 -21.19 33.28 0.86
N SER A 275 -20.37 34.24 1.28
CA SER A 275 -19.82 35.25 0.38
C SER A 275 -18.76 34.66 -0.54
N VAL A 276 -18.59 35.28 -1.71
CA VAL A 276 -17.61 34.82 -2.70
C VAL A 276 -16.17 35.05 -2.22
N CYS A 277 -15.96 36.12 -1.45
CA CYS A 277 -14.65 36.40 -0.86
C CYS A 277 -14.27 35.39 0.22
N ASP A 278 -15.25 34.67 0.77
CA ASP A 278 -15.03 33.68 1.82
C ASP A 278 -14.86 32.25 1.32
N LEU A 279 -14.83 32.05 0.00
CA LEU A 279 -14.60 30.73 -0.57
C LEU A 279 -13.13 30.34 -0.40
N PRO A 280 -12.86 29.24 0.35
CA PRO A 280 -11.46 28.83 0.47
C PRO A 280 -10.91 28.30 -0.86
N ARG A 281 -9.59 28.35 -1.01
CA ARG A 281 -8.91 27.94 -2.25
C ARG A 281 -9.35 26.57 -2.75
N MET A 282 -9.57 25.64 -1.83
CA MET A 282 -9.94 24.26 -2.17
C MET A 282 -11.44 24.00 -1.98
N ALA A 283 -12.27 25.01 -2.26
CA ALA A 283 -13.71 24.88 -2.16
C ALA A 283 -14.24 23.93 -3.23
N ARG A 284 -15.19 23.07 -2.85
CA ARG A 284 -15.70 22.03 -3.72
C ARG A 284 -17.22 22.10 -3.81
N LEU A 285 -17.72 22.37 -5.02
CA LEU A 285 -19.15 22.41 -5.28
C LEU A 285 -19.61 21.03 -5.72
N CYS A 286 -20.47 20.40 -4.92
CA CYS A 286 -20.89 19.02 -5.14
C CYS A 286 -22.35 18.93 -5.53
N PHE A 287 -22.67 18.04 -6.46
CA PHE A 287 -24.04 17.84 -6.93
C PHE A 287 -24.51 16.41 -6.73
N ALA A 288 -25.82 16.24 -6.60
CA ALA A 288 -26.44 14.92 -6.50
C ALA A 288 -27.81 14.94 -7.14
N LEU A 289 -27.98 14.18 -8.21
CA LEU A 289 -29.27 14.00 -8.88
C LEU A 289 -29.95 12.76 -8.32
N TYR A 290 -31.21 12.89 -7.95
CA TYR A 290 -32.01 11.75 -7.48
C TYR A 290 -33.49 11.95 -7.81
N ALA A 291 -34.28 10.89 -7.60
CA ALA A 291 -35.72 10.93 -7.84
C ALA A 291 -36.48 10.64 -6.56
N VAL A 292 -37.72 11.14 -6.49
CA VAL A 292 -38.55 10.99 -5.30
C VAL A 292 -40.04 11.11 -5.66
N VAL A 293 -40.90 10.57 -4.80
CA VAL A 293 -42.35 10.69 -4.97
C VAL A 293 -42.80 12.12 -4.68
N ASP A 310 -36.55 7.51 -1.50
CA ASP A 310 -35.47 8.20 -2.18
C ASP A 310 -34.74 7.25 -3.13
N CYS A 311 -34.37 7.77 -4.29
CA CYS A 311 -33.73 6.98 -5.35
C CYS A 311 -32.53 7.72 -5.93
N PRO A 312 -31.31 7.40 -5.45
CA PRO A 312 -30.09 8.03 -5.98
C PRO A 312 -29.86 7.68 -7.45
N ILE A 313 -29.45 8.67 -8.24
CA ILE A 313 -29.21 8.48 -9.67
C ILE A 313 -27.74 8.75 -10.02
N ALA A 314 -27.26 9.95 -9.73
CA ALA A 314 -25.90 10.33 -10.07
C ALA A 314 -25.36 11.49 -9.24
N TRP A 315 -24.05 11.69 -9.31
CA TRP A 315 -23.38 12.77 -8.58
C TRP A 315 -22.22 13.32 -9.40
N ALA A 316 -21.78 14.53 -9.07
CA ALA A 316 -20.65 15.16 -9.74
C ALA A 316 -20.10 16.32 -8.91
N ASN A 317 -18.77 16.45 -8.91
CA ASN A 317 -18.09 17.52 -8.17
C ASN A 317 -17.16 18.31 -9.08
N LEU A 318 -16.91 19.55 -8.70
CA LEU A 318 -15.84 20.35 -9.31
C LEU A 318 -15.27 21.37 -8.34
N MET A 319 -14.05 21.82 -8.62
CA MET A 319 -13.40 22.86 -7.85
C MET A 319 -13.87 24.22 -8.37
N LEU A 320 -14.11 25.17 -7.47
CA LEU A 320 -14.55 26.51 -7.88
C LEU A 320 -13.40 27.31 -8.48
N PHE A 321 -12.17 27.01 -8.06
CA PHE A 321 -10.98 27.55 -8.69
C PHE A 321 -10.32 26.49 -9.54
N ASP A 322 -9.74 26.89 -10.67
CA ASP A 322 -9.03 25.96 -11.54
C ASP A 322 -7.60 25.74 -11.05
N TYR A 323 -6.81 25.00 -11.83
CA TYR A 323 -5.43 24.67 -11.44
C TYR A 323 -4.47 25.87 -11.46
N LYS A 324 -4.87 26.94 -12.15
CA LYS A 324 -4.10 28.19 -12.18
C LYS A 324 -4.57 29.22 -11.14
N ASP A 325 -5.35 28.77 -10.15
CA ASP A 325 -5.87 29.61 -9.06
C ASP A 325 -6.93 30.63 -9.50
N GLN A 326 -7.46 30.49 -10.71
CA GLN A 326 -8.47 31.42 -11.21
C GLN A 326 -9.88 30.92 -10.89
N LEU A 327 -10.74 31.83 -10.43
CA LEU A 327 -12.15 31.49 -10.17
C LEU A 327 -12.84 31.18 -11.50
N LYS A 328 -13.65 30.14 -11.51
CA LYS A 328 -14.21 29.59 -12.75
C LYS A 328 -15.45 30.32 -13.26
N THR A 329 -15.47 30.61 -14.55
CA THR A 329 -16.67 31.03 -15.28
C THR A 329 -16.53 30.54 -16.74
N GLY A 330 -17.62 30.26 -17.46
CA GLY A 330 -19.00 30.41 -16.99
C GLY A 330 -19.76 29.10 -17.02
N GLU A 331 -20.12 28.64 -18.23
CA GLU A 331 -20.90 27.41 -18.38
C GLU A 331 -20.02 26.16 -18.25
N ARG A 332 -20.54 25.15 -17.57
CA ARG A 332 -19.85 23.87 -17.35
C ARG A 332 -20.80 22.69 -17.57
N CYS A 333 -20.38 21.73 -18.40
CA CYS A 333 -21.12 20.48 -18.58
C CYS A 333 -20.51 19.40 -17.68
N LEU A 334 -21.27 18.96 -16.68
CA LEU A 334 -20.79 18.00 -15.70
C LEU A 334 -21.27 16.58 -16.01
N TYR A 335 -20.39 15.78 -16.60
CA TYR A 335 -20.70 14.38 -16.89
C TYR A 335 -20.62 13.58 -15.59
N MET A 336 -21.77 13.10 -15.13
CA MET A 336 -21.92 12.59 -13.78
C MET A 336 -21.57 11.12 -13.64
N TRP A 337 -21.32 10.71 -12.40
CA TRP A 337 -21.03 9.33 -12.06
C TRP A 337 -22.25 8.68 -11.42
N PRO A 338 -22.47 7.38 -11.64
CA PRO A 338 -23.63 6.69 -11.07
C PRO A 338 -23.52 6.53 -9.55
N SER A 339 -24.65 6.60 -8.87
CA SER A 339 -24.70 6.55 -7.40
C SER A 339 -24.80 5.12 -6.88
N VAL A 340 -24.78 4.97 -5.55
CA VAL A 340 -24.86 3.66 -4.89
C VAL A 340 -26.11 2.89 -5.29
N LEU A 347 -26.63 11.70 0.09
CA LEU A 347 -26.73 11.87 -1.36
C LEU A 347 -25.47 12.51 -1.92
N LEU A 348 -25.04 13.60 -1.29
CA LEU A 348 -23.81 14.30 -1.70
C LEU A 348 -22.58 13.45 -1.40
N ASN A 349 -21.56 13.60 -2.24
CA ASN A 349 -20.35 12.80 -2.18
C ASN A 349 -19.10 13.68 -2.34
N PRO A 350 -18.75 14.45 -1.28
CA PRO A 350 -17.65 15.42 -1.39
C PRO A 350 -16.28 14.79 -1.62
N ALA A 351 -16.08 13.57 -1.13
CA ALA A 351 -14.81 12.87 -1.28
C ALA A 351 -14.60 12.34 -2.70
N GLY A 352 -15.68 12.27 -3.49
CA GLY A 352 -15.61 11.82 -4.87
C GLY A 352 -14.74 12.72 -5.74
N THR A 353 -14.25 12.17 -6.85
CA THR A 353 -13.35 12.87 -7.76
C THR A 353 -13.98 14.13 -8.35
N VAL A 354 -13.13 15.11 -8.69
CA VAL A 354 -13.58 16.38 -9.26
C VAL A 354 -13.43 16.43 -10.78
N ARG A 355 -13.15 15.28 -11.38
CA ARG A 355 -13.10 15.15 -12.84
C ARG A 355 -14.35 14.43 -13.31
N GLY A 356 -14.83 14.79 -14.50
CA GLY A 356 -16.07 14.24 -15.04
C GLY A 356 -15.94 12.79 -15.48
N ASN A 357 -17.09 12.14 -15.64
CA ASN A 357 -17.16 10.77 -16.14
C ASN A 357 -16.64 10.72 -17.58
N PRO A 358 -15.60 9.90 -17.84
CA PRO A 358 -15.03 9.83 -19.19
C PRO A 358 -15.95 9.17 -20.22
N ASN A 359 -16.90 8.35 -19.77
CA ASN A 359 -17.87 7.70 -20.64
C ASN A 359 -19.00 8.66 -21.00
N THR A 360 -18.71 9.61 -21.88
CA THR A 360 -19.67 10.65 -22.24
C THR A 360 -20.84 10.16 -23.10
N GLU A 361 -20.71 8.95 -23.66
CA GLU A 361 -21.79 8.34 -24.44
C GLU A 361 -22.98 7.98 -23.55
N SER A 362 -22.70 7.35 -22.42
CA SER A 362 -23.75 6.83 -21.52
C SER A 362 -23.97 7.65 -20.25
N ALA A 363 -23.03 8.53 -19.91
CA ALA A 363 -23.10 9.28 -18.66
C ALA A 363 -24.17 10.38 -18.71
N ALA A 364 -24.95 10.48 -17.64
CA ALA A 364 -25.90 11.58 -17.48
C ALA A 364 -25.13 12.87 -17.22
N ALA A 365 -25.51 13.94 -17.91
CA ALA A 365 -24.81 15.21 -17.80
C ALA A 365 -25.66 16.25 -17.07
N LEU A 366 -24.98 17.24 -16.47
CA LEU A 366 -25.64 18.39 -15.86
C LEU A 366 -24.92 19.66 -16.29
N VAL A 367 -25.61 20.52 -17.01
CA VAL A 367 -25.03 21.81 -17.41
C VAL A 367 -25.42 22.89 -16.41
N ILE A 368 -24.43 23.70 -16.04
CA ILE A 368 -24.61 24.78 -15.07
C ILE A 368 -23.90 26.03 -15.57
N TYR A 369 -24.21 27.18 -14.96
CA TYR A 369 -23.55 28.43 -15.32
C TYR A 369 -22.99 29.13 -14.08
N LEU A 370 -21.66 29.25 -14.04
CA LEU A 370 -20.98 30.04 -13.01
C LEU A 370 -20.97 31.50 -13.47
N PRO A 371 -21.46 32.42 -12.62
CA PRO A 371 -21.67 33.79 -13.09
C PRO A 371 -20.37 34.57 -13.25
N GLU A 372 -20.29 35.39 -14.31
CA GLU A 372 -19.12 36.24 -14.55
C GLU A 372 -19.12 37.42 -13.59
N VAL A 373 -18.47 37.23 -12.45
CA VAL A 373 -18.39 38.27 -11.40
C VAL A 373 -17.45 39.43 -11.74
N ALA A 374 -16.75 39.35 -12.88
CA ALA A 374 -15.85 40.41 -13.32
C ALA A 374 -16.63 41.62 -13.83
N PRO A 377 -11.83 38.65 -14.38
CA PRO A 377 -10.90 37.58 -14.03
C PRO A 377 -10.34 37.77 -12.62
N VAL A 378 -10.65 36.84 -11.73
CA VAL A 378 -10.20 36.92 -10.33
C VAL A 378 -9.44 35.65 -9.93
N TYR A 379 -8.25 35.85 -9.35
CA TYR A 379 -7.43 34.76 -8.84
C TYR A 379 -7.49 34.72 -7.33
N PHE A 380 -7.13 33.58 -6.75
CA PHE A 380 -7.02 33.47 -5.30
C PHE A 380 -5.77 34.26 -4.88
N PRO A 381 -5.86 35.02 -3.77
CA PRO A 381 -4.71 35.84 -3.34
C PRO A 381 -3.44 35.04 -3.11
N ALA A 382 -2.31 35.59 -3.54
CA ALA A 382 -1.00 34.95 -3.34
C ALA A 382 -0.65 34.89 -1.86
N LEU A 383 0.34 34.05 -1.54
CA LEU A 383 0.75 33.83 -0.15
C LEU A 383 1.15 35.13 0.56
N GLU A 384 1.82 36.03 -0.16
CA GLU A 384 2.23 37.32 0.40
C GLU A 384 1.04 38.15 0.89
N LYS A 385 -0.03 38.19 0.09
CA LYS A 385 -1.24 38.93 0.44
C LYS A 385 -1.96 38.23 1.58
N ILE A 386 -1.95 36.90 1.52
CA ILE A 386 -2.54 36.08 2.57
C ILE A 386 -1.82 36.40 3.88
N LEU A 387 -0.50 36.21 3.92
CA LEU A 387 0.28 36.48 5.14
C LEU A 387 0.13 37.92 5.66
N GLU A 388 0.08 38.88 4.74
CA GLU A 388 -0.07 40.31 5.09
C GLU A 388 -1.33 40.56 5.93
N LEU A 389 -2.46 40.03 5.45
CA LEU A 389 -3.74 40.16 6.15
C LEU A 389 -3.72 39.52 7.53
N GLY A 390 -2.88 38.51 7.70
CA GLY A 390 -2.94 37.63 8.86
C GLY A 390 -2.03 38.05 10.02
N ARG A 391 -0.86 38.50 9.62
CA ARG A 391 0.13 39.03 10.49
C ARG A 391 -0.54 39.64 11.69
N HIS A 392 -1.83 39.96 11.55
CA HIS A 392 -2.63 40.53 12.62
C HIS A 392 -3.76 39.59 12.92
N LEU A 404 -6.39 27.51 30.82
CA LEU A 404 -5.03 27.12 30.49
C LEU A 404 -4.70 25.76 30.93
N GLN A 405 -5.06 25.37 32.14
CA GLN A 405 -5.05 23.97 32.41
C GLN A 405 -6.07 23.25 31.54
N LEU A 406 -7.28 23.79 31.48
CA LEU A 406 -8.37 23.16 30.74
C LEU A 406 -8.06 23.08 29.24
N ARG A 407 -7.24 24.01 28.74
CA ARG A 407 -6.69 23.93 27.39
C ARG A 407 -5.98 22.59 27.18
N GLU A 408 -5.13 22.22 28.13
CA GLU A 408 -4.41 20.96 28.07
C GLU A 408 -5.33 19.77 28.33
N ILE A 409 -6.36 19.96 29.17
CA ILE A 409 -7.23 18.86 29.59
C ILE A 409 -8.14 18.35 28.45
N LEU A 410 -8.44 19.22 27.49
CA LEU A 410 -9.25 18.86 26.33
C LEU A 410 -8.41 18.47 25.11
N GLU A 411 -7.10 18.74 25.17
CA GLU A 411 -6.22 18.57 24.01
C GLU A 411 -5.48 17.22 24.04
N ARG A 412 -6.24 16.15 24.27
CA ARG A 412 -5.73 14.78 24.15
C ARG A 412 -6.87 13.77 24.13
N GLU A 417 -13.45 15.45 18.62
CA GLU A 417 -14.82 15.87 18.92
C GLU A 417 -14.85 16.71 20.20
N LEU A 418 -15.25 17.97 20.07
CA LEU A 418 -15.28 18.90 21.20
C LEU A 418 -16.41 19.92 21.07
N TYR A 419 -16.85 20.45 22.20
CA TYR A 419 -18.03 21.34 22.25
C TYR A 419 -17.70 22.74 21.73
N GLU A 420 -18.75 23.54 21.55
CA GLU A 420 -18.65 24.87 20.96
C GLU A 420 -17.67 25.79 21.72
N HIS A 421 -17.82 25.83 23.04
CA HIS A 421 -16.95 26.67 23.88
C HIS A 421 -15.51 26.16 23.92
N GLU A 422 -15.33 24.85 23.77
CA GLU A 422 -13.99 24.26 23.71
C GLU A 422 -13.27 24.63 22.40
N LYS A 423 -14.02 24.64 21.30
CA LYS A 423 -13.49 25.06 20.00
C LYS A 423 -13.01 26.51 20.05
N ASP A 424 -13.81 27.37 20.68
CA ASP A 424 -13.47 28.79 20.82
C ASP A 424 -12.21 28.98 21.66
N LEU A 425 -12.06 28.15 22.70
CA LEU A 425 -10.89 28.21 23.57
C LEU A 425 -9.62 27.95 22.76
N VAL A 426 -9.66 26.91 21.93
CA VAL A 426 -8.51 26.52 21.11
C VAL A 426 -8.16 27.60 20.09
N TRP A 427 -9.17 28.16 19.42
CA TRP A 427 -8.94 29.22 18.44
C TRP A 427 -8.42 30.49 19.11
N LYS A 428 -9.01 30.84 20.26
CA LYS A 428 -8.56 31.99 21.06
C LYS A 428 -7.08 31.88 21.38
N MET A 429 -6.66 30.70 21.82
CA MET A 429 -5.27 30.46 22.23
C MET A 429 -4.47 29.72 21.14
N ARG A 430 -4.75 30.04 19.88
CA ARG A 430 -4.06 29.42 18.74
C ARG A 430 -2.55 29.70 18.73
N HIS A 431 -2.17 30.88 19.22
CA HIS A 431 -0.75 31.23 19.31
C HIS A 431 -0.02 30.34 20.32
N GLU A 432 -0.71 29.99 21.40
CA GLU A 432 -0.15 29.12 22.43
C GLU A 432 -0.03 27.68 21.93
N VAL A 433 -0.91 27.29 21.01
CA VAL A 433 -0.85 25.96 20.40
C VAL A 433 0.42 25.85 19.57
N GLN A 434 0.67 26.84 18.72
CA GLN A 434 1.89 26.90 17.91
C GLN A 434 3.15 26.85 18.78
N GLU A 435 3.15 27.66 19.83
CA GLU A 435 4.34 27.84 20.66
C GLU A 435 4.61 26.66 21.59
N HIS A 436 3.56 26.15 22.25
CA HIS A 436 3.72 25.12 23.28
C HIS A 436 3.22 23.72 22.89
N PHE A 437 2.29 23.64 21.94
CA PHE A 437 1.68 22.35 21.56
C PHE A 437 1.64 22.17 20.04
N PRO A 438 2.80 22.23 19.37
CA PRO A 438 2.84 22.18 17.90
C PRO A 438 2.26 20.89 17.30
N GLU A 439 2.33 19.78 18.02
CA GLU A 439 1.77 18.51 17.52
C GLU A 439 0.25 18.42 17.62
N ALA A 440 -0.40 19.46 18.13
CA ALA A 440 -1.87 19.56 18.14
C ALA A 440 -2.41 20.41 16.99
N LEU A 441 -1.59 20.63 15.96
CA LEU A 441 -2.00 21.39 14.78
C LEU A 441 -3.30 20.87 14.17
N ALA A 442 -3.42 19.55 14.07
CA ALA A 442 -4.61 18.92 13.49
C ALA A 442 -5.89 19.40 14.17
N ARG A 443 -5.92 19.35 15.49
CA ARG A 443 -7.10 19.79 16.25
C ARG A 443 -7.39 21.27 16.01
N LEU A 444 -6.32 22.07 15.93
CA LEU A 444 -6.46 23.50 15.63
C LEU A 444 -7.03 23.72 14.22
N LEU A 445 -6.56 22.95 13.25
CA LEU A 445 -7.08 23.01 11.88
C LEU A 445 -8.56 22.61 11.78
N LEU A 446 -9.00 21.71 12.68
CA LEU A 446 -10.40 21.26 12.67
C LEU A 446 -11.37 22.24 13.32
N VAL A 447 -10.86 23.18 14.12
CA VAL A 447 -11.73 24.18 14.78
C VAL A 447 -11.73 25.54 14.07
N THR A 448 -10.80 25.76 13.15
CA THR A 448 -10.78 27.01 12.38
C THR A 448 -11.95 27.07 11.39
N LYS A 449 -12.51 28.26 11.23
CA LYS A 449 -13.64 28.49 10.36
C LYS A 449 -13.15 28.66 8.92
N TRP A 450 -13.27 27.61 8.13
CA TRP A 450 -12.79 27.63 6.75
C TRP A 450 -13.71 28.41 5.81
N ASN A 451 -14.91 28.75 6.29
CA ASN A 451 -15.86 29.57 5.54
C ASN A 451 -15.77 31.07 5.84
N LYS A 452 -14.69 31.48 6.51
CA LYS A 452 -14.41 32.90 6.75
C LYS A 452 -12.94 33.19 6.45
N HIS A 453 -12.70 34.02 5.42
CA HIS A 453 -11.37 34.19 4.86
C HIS A 453 -10.37 34.83 5.83
N GLU A 454 -10.84 35.69 6.73
CA GLU A 454 -9.97 36.29 7.74
C GLU A 454 -9.46 35.24 8.73
N ASP A 455 -10.34 34.32 9.12
CA ASP A 455 -9.95 33.21 10.00
C ASP A 455 -9.00 32.26 9.28
N VAL A 456 -9.39 31.79 8.09
CA VAL A 456 -8.52 30.95 7.26
C VAL A 456 -7.16 31.63 7.13
N ALA A 457 -7.19 32.91 6.79
CA ALA A 457 -5.99 33.71 6.79
C ALA A 457 -5.29 33.50 8.14
N GLN A 458 -5.94 33.88 9.23
CA GLN A 458 -5.33 33.78 10.56
C GLN A 458 -4.67 32.42 10.86
N MET A 459 -5.20 31.34 10.28
CA MET A 459 -4.60 30.02 10.41
C MET A 459 -3.29 29.88 9.62
N LEU A 460 -3.27 30.40 8.40
CA LEU A 460 -2.14 30.19 7.48
C LEU A 460 -0.84 30.90 7.89
N TYR A 461 -0.94 32.01 8.62
CA TYR A 461 0.26 32.72 9.11
C TYR A 461 0.98 31.90 10.16
N LEU A 462 0.21 31.28 11.05
CA LEU A 462 0.76 30.35 12.04
C LEU A 462 1.35 29.13 11.35
N LEU A 463 0.62 28.61 10.36
CA LEU A 463 1.03 27.42 9.62
C LEU A 463 2.40 27.59 8.95
N CYS A 464 2.62 28.76 8.35
CA CYS A 464 3.85 29.00 7.58
C CYS A 464 5.12 29.19 8.43
N SER A 465 4.94 29.39 9.73
CA SER A 465 6.08 29.38 10.66
C SER A 465 5.96 28.23 11.68
N TRP A 466 5.11 27.26 11.38
CA TRP A 466 4.88 26.12 12.26
C TRP A 466 6.06 25.16 12.18
N PRO A 467 6.56 24.68 13.33
CA PRO A 467 7.68 23.72 13.26
C PRO A 467 7.27 22.42 12.59
N GLU A 468 8.23 21.79 11.90
CA GLU A 468 7.96 20.48 11.28
C GLU A 468 7.54 19.48 12.34
N LEU A 469 6.60 18.61 11.99
CA LEU A 469 6.05 17.64 12.92
C LEU A 469 6.59 16.25 12.62
N PRO A 470 6.43 15.29 13.56
CA PRO A 470 6.83 13.91 13.29
C PRO A 470 6.01 13.29 12.17
N VAL A 471 6.54 12.21 11.59
CA VAL A 471 5.88 11.49 10.48
C VAL A 471 4.44 11.12 10.84
N LEU A 472 4.24 10.62 12.05
CA LEU A 472 2.91 10.20 12.50
C LEU A 472 1.89 11.32 12.37
N SER A 473 2.28 12.52 12.79
CA SER A 473 1.41 13.70 12.70
C SER A 473 1.11 14.06 11.25
N ALA A 474 2.12 13.98 10.40
CA ALA A 474 1.97 14.32 8.98
C ALA A 474 1.03 13.37 8.23
N LEU A 475 1.01 12.09 8.64
CA LEU A 475 0.12 11.10 8.04
C LEU A 475 -1.36 11.43 8.27
N GLU A 476 -1.66 11.93 9.47
CA GLU A 476 -3.01 12.40 9.79
C GLU A 476 -3.41 13.55 8.86
N LEU A 477 -2.47 14.47 8.61
CA LEU A 477 -2.73 15.67 7.82
C LEU A 477 -2.97 15.38 6.34
N LEU A 478 -2.54 14.22 5.86
CA LEU A 478 -2.83 13.80 4.49
C LEU A 478 -4.30 13.44 4.26
N ASP A 479 -5.03 13.20 5.34
CA ASP A 479 -6.44 12.81 5.23
C ASP A 479 -7.30 13.93 4.63
N PHE A 480 -8.43 13.53 4.02
CA PHE A 480 -9.35 14.46 3.37
C PHE A 480 -9.99 15.49 4.31
N SER A 481 -9.94 15.22 5.61
CA SER A 481 -10.39 16.18 6.63
C SER A 481 -9.54 17.46 6.66
N PHE A 482 -8.36 17.41 6.03
CA PHE A 482 -7.45 18.56 5.94
C PHE A 482 -7.17 18.89 4.48
N PRO A 483 -8.19 19.37 3.75
CA PRO A 483 -8.14 19.53 2.30
C PRO A 483 -7.33 20.73 1.79
N ASP A 484 -7.00 21.70 2.65
CA ASP A 484 -6.31 22.90 2.20
C ASP A 484 -4.94 22.60 1.60
N CYS A 485 -4.58 23.32 0.54
CA CYS A 485 -3.35 23.06 -0.20
C CYS A 485 -2.07 23.41 0.57
N TYR A 486 -2.13 24.43 1.43
CA TYR A 486 -0.98 24.79 2.26
C TYR A 486 -0.77 23.78 3.39
N VAL A 487 -1.87 23.23 3.91
CA VAL A 487 -1.79 22.14 4.89
C VAL A 487 -1.20 20.90 4.22
N GLY A 488 -1.68 20.59 3.02
CA GLY A 488 -1.15 19.49 2.21
C GLY A 488 0.35 19.64 1.97
N SER A 489 0.77 20.83 1.57
CA SER A 489 2.18 21.13 1.34
C SER A 489 3.00 21.00 2.63
N PHE A 490 2.43 21.42 3.76
CA PHE A 490 3.07 21.28 5.06
C PHE A 490 3.25 19.82 5.47
N ALA A 491 2.22 19.01 5.22
CA ALA A 491 2.29 17.58 5.51
C ALA A 491 3.41 16.89 4.74
N ILE A 492 3.53 17.22 3.45
CA ILE A 492 4.58 16.64 2.60
C ILE A 492 5.96 17.08 3.08
N LYS A 493 6.09 18.35 3.46
CA LYS A 493 7.32 18.89 4.01
C LYS A 493 7.78 18.12 5.26
N SER A 494 6.84 17.78 6.13
CA SER A 494 7.13 16.97 7.32
C SER A 494 7.40 15.50 6.98
N LEU A 495 6.89 15.04 5.84
CA LEU A 495 7.08 13.65 5.41
C LEU A 495 8.39 13.40 4.67
N ARG A 496 9.13 14.44 4.33
CA ARG A 496 10.39 14.28 3.58
C ARG A 496 11.46 13.52 4.38
N LYS A 497 11.34 13.48 5.71
CA LYS A 497 12.25 12.71 6.54
C LYS A 497 11.88 11.22 6.65
N LEU A 498 10.78 10.82 6.02
CA LEU A 498 10.47 9.39 5.84
C LEU A 498 11.67 8.67 5.26
N THR A 499 12.10 7.59 5.91
CA THR A 499 13.11 6.71 5.33
C THR A 499 12.47 5.99 4.14
N ASP A 500 13.30 5.44 3.26
CA ASP A 500 12.79 4.63 2.14
C ASP A 500 12.02 3.41 2.66
N ASP A 501 12.46 2.84 3.78
CA ASP A 501 11.77 1.71 4.38
C ASP A 501 10.38 2.09 4.89
N GLU A 502 10.28 3.21 5.59
CA GLU A 502 8.98 3.72 6.04
C GLU A 502 8.06 4.05 4.86
N LEU A 503 8.63 4.68 3.83
CA LEU A 503 7.90 5.03 2.62
C LEU A 503 7.33 3.79 1.95
N PHE A 504 8.16 2.74 1.83
CA PHE A 504 7.71 1.47 1.30
C PHE A 504 6.55 0.91 2.12
N GLN A 505 6.67 0.99 3.45
CA GLN A 505 5.65 0.47 4.37
C GLN A 505 4.31 1.17 4.20
N TYR A 506 4.33 2.48 3.99
CA TYR A 506 3.11 3.28 3.87
C TYR A 506 2.72 3.59 2.43
N LEU A 507 3.42 3.01 1.45
CA LEU A 507 3.23 3.37 0.03
C LEU A 507 1.81 3.11 -0.47
N LEU A 508 1.22 1.99 -0.05
CA LEU A 508 -0.15 1.67 -0.45
C LEU A 508 -1.10 2.81 -0.09
N GLN A 509 -0.98 3.32 1.14
CA GLN A 509 -1.86 4.39 1.62
C GLN A 509 -1.60 5.71 0.89
N LEU A 510 -0.33 6.01 0.64
CA LEU A 510 0.04 7.26 -0.04
C LEU A 510 -0.48 7.31 -1.48
N VAL A 511 -0.44 6.18 -2.18
CA VAL A 511 -1.00 6.10 -3.53
C VAL A 511 -2.51 6.33 -3.48
N GLN A 512 -3.19 5.73 -2.50
CA GLN A 512 -4.64 5.88 -2.38
C GLN A 512 -5.05 7.32 -2.03
N VAL A 513 -4.21 8.03 -1.30
CA VAL A 513 -4.45 9.44 -0.98
C VAL A 513 -4.54 10.30 -2.25
N LEU A 514 -3.85 9.90 -3.32
CA LEU A 514 -3.93 10.60 -4.61
C LEU A 514 -5.37 10.72 -5.12
N LYS A 515 -6.23 9.77 -4.73
CA LYS A 515 -7.65 9.82 -5.09
C LYS A 515 -8.42 10.97 -4.44
N TYR A 516 -7.87 11.53 -3.36
CA TYR A 516 -8.45 12.73 -2.72
C TYR A 516 -7.99 14.04 -3.37
N GLU A 517 -6.92 13.99 -4.17
CA GLU A 517 -6.32 15.20 -4.73
C GLU A 517 -7.27 15.91 -5.68
N SER A 518 -7.18 17.24 -5.72
CA SER A 518 -8.06 18.07 -6.54
C SER A 518 -7.49 18.34 -7.93
N TYR A 519 -6.17 18.52 -8.01
CA TYR A 519 -5.51 18.84 -9.26
C TYR A 519 -4.42 17.81 -9.59
N LEU A 520 -4.02 17.78 -10.86
CA LEU A 520 -3.02 16.81 -11.32
C LEU A 520 -1.64 17.13 -10.76
N ASP A 521 -1.19 18.37 -10.97
CA ASP A 521 0.10 18.81 -10.43
C ASP A 521 -0.08 19.09 -8.93
N CYS A 522 0.46 18.21 -8.09
CA CYS A 522 0.35 18.35 -6.65
C CYS A 522 1.63 17.90 -5.95
N GLU A 523 1.79 18.30 -4.69
CA GLU A 523 3.01 18.04 -3.95
C GLU A 523 3.21 16.55 -3.66
N LEU A 524 2.12 15.82 -3.43
CA LEU A 524 2.21 14.38 -3.19
C LEU A 524 2.75 13.65 -4.41
N THR A 525 2.21 13.99 -5.58
CA THR A 525 2.67 13.37 -6.83
C THR A 525 4.15 13.65 -7.07
N LYS A 526 4.58 14.89 -6.86
CA LYS A 526 5.99 15.26 -7.05
C LYS A 526 6.89 14.57 -6.03
N PHE A 527 6.39 14.41 -4.80
CA PHE A 527 7.13 13.72 -3.75
C PHE A 527 7.32 12.24 -4.10
N LEU A 528 6.24 11.57 -4.48
CA LEU A 528 6.29 10.14 -4.82
C LEU A 528 7.18 9.87 -6.03
N LEU A 529 7.02 10.67 -7.08
CA LEU A 529 7.86 10.56 -8.28
C LEU A 529 9.34 10.76 -7.94
N GLY A 530 9.63 11.74 -7.09
CA GLY A 530 11.01 12.02 -6.67
C GLY A 530 11.63 10.86 -5.90
N ARG A 531 10.90 10.33 -4.94
CA ARG A 531 11.39 9.19 -4.16
C ARG A 531 11.50 7.95 -5.04
N ALA A 532 10.56 7.78 -5.95
CA ALA A 532 10.55 6.65 -6.88
C ALA A 532 11.76 6.64 -7.81
N LEU A 533 12.15 7.83 -8.28
CA LEU A 533 13.31 7.95 -9.17
C LEU A 533 14.64 7.88 -8.41
N ALA A 534 14.60 8.11 -7.10
CA ALA A 534 15.79 8.00 -6.24
C ALA A 534 15.99 6.61 -5.65
N ASN A 535 14.96 5.75 -5.76
CA ASN A 535 15.02 4.38 -5.24
C ASN A 535 14.28 3.45 -6.19
N ARG A 536 15.02 2.55 -6.84
CA ARG A 536 14.48 1.66 -7.87
C ARG A 536 13.37 0.75 -7.33
N LYS A 537 13.50 0.35 -6.06
CA LYS A 537 12.49 -0.49 -5.42
C LYS A 537 11.19 0.28 -5.19
N ILE A 538 11.30 1.54 -4.77
CA ILE A 538 10.13 2.39 -4.60
C ILE A 538 9.45 2.63 -5.95
N GLY A 539 10.28 2.88 -6.98
CA GLY A 539 9.78 3.04 -8.35
C GLY A 539 9.03 1.81 -8.84
N HIS A 540 9.56 0.64 -8.55
CA HIS A 540 8.91 -0.63 -8.89
C HIS A 540 7.50 -0.73 -8.31
N PHE A 541 7.37 -0.52 -7.01
CA PHE A 541 6.08 -0.68 -6.33
C PHE A 541 5.12 0.48 -6.57
N LEU A 542 5.66 1.68 -6.78
CA LEU A 542 4.81 2.81 -7.19
C LEU A 542 4.15 2.46 -8.51
N PHE A 543 4.93 2.01 -9.48
CA PHE A 543 4.41 1.63 -10.79
C PHE A 543 3.25 0.65 -10.69
N TRP A 544 3.45 -0.44 -9.95
CA TRP A 544 2.45 -1.50 -9.86
C TRP A 544 1.19 -1.10 -9.10
N HIS A 545 1.33 -0.29 -8.06
CA HIS A 545 0.15 0.24 -7.38
C HIS A 545 -0.68 1.09 -8.32
N LEU A 546 -0.02 1.90 -9.14
CA LEU A 546 -0.70 2.74 -10.14
C LEU A 546 -1.25 1.91 -11.29
N ARG A 547 -0.41 1.04 -11.84
CA ARG A 547 -0.80 0.21 -12.98
C ARG A 547 -2.00 -0.70 -12.66
N SER A 548 -2.07 -1.16 -11.42
CA SER A 548 -3.12 -2.09 -11.01
C SER A 548 -4.53 -1.46 -10.97
N GLU A 549 -4.62 -0.13 -11.08
CA GLU A 549 -5.92 0.54 -11.06
C GLU A 549 -6.25 1.32 -12.34
N MET A 550 -5.59 0.99 -13.45
CA MET A 550 -5.85 1.67 -14.73
C MET A 550 -7.20 1.28 -15.35
N HIS A 551 -7.80 0.21 -14.84
CA HIS A 551 -9.14 -0.21 -15.24
C HIS A 551 -10.24 0.61 -14.55
N VAL A 552 -9.86 1.42 -13.57
CA VAL A 552 -10.80 2.28 -12.84
C VAL A 552 -10.86 3.65 -13.53
N PRO A 553 -11.99 3.97 -14.19
CA PRO A 553 -12.10 5.22 -14.97
C PRO A 553 -11.77 6.51 -14.20
N SER A 554 -12.10 6.55 -12.92
CA SER A 554 -11.93 7.76 -12.11
C SER A 554 -10.47 8.09 -11.77
N VAL A 555 -9.55 7.14 -11.99
CA VAL A 555 -8.13 7.40 -11.77
C VAL A 555 -7.23 7.11 -12.97
N ALA A 556 -7.79 6.56 -14.06
CA ALA A 556 -7.01 6.14 -15.22
C ALA A 556 -6.15 7.27 -15.79
N LEU A 557 -6.73 8.46 -15.90
CA LEU A 557 -6.00 9.61 -16.41
C LEU A 557 -4.85 10.01 -15.49
N ARG A 558 -5.14 10.24 -14.21
CA ARG A 558 -4.13 10.65 -13.24
C ARG A 558 -3.00 9.63 -13.14
N PHE A 559 -3.36 8.36 -12.93
CA PHE A 559 -2.38 7.31 -12.73
C PHE A 559 -1.57 7.05 -14.00
N GLY A 560 -2.23 7.10 -15.15
CA GLY A 560 -1.54 6.99 -16.44
C GLY A 560 -0.50 8.07 -16.64
N LEU A 561 -0.84 9.32 -16.27
CA LEU A 561 0.09 10.44 -16.42
C LEU A 561 1.29 10.30 -15.50
N ILE A 562 1.05 9.87 -14.26
CA ILE A 562 2.14 9.64 -13.31
C ILE A 562 3.10 8.59 -13.86
N MET A 563 2.55 7.49 -14.37
CA MET A 563 3.36 6.40 -14.92
C MET A 563 4.17 6.85 -16.14
N GLU A 564 3.54 7.62 -17.03
CA GLU A 564 4.26 8.18 -18.19
C GLU A 564 5.45 8.99 -17.70
N ALA A 565 5.22 9.89 -16.76
CA ALA A 565 6.27 10.73 -16.20
C ALA A 565 7.42 9.89 -15.64
N TYR A 566 7.09 8.86 -14.86
CA TYR A 566 8.10 7.97 -14.32
C TYR A 566 8.94 7.33 -15.42
N CYS A 567 8.29 6.83 -16.47
CA CYS A 567 8.98 6.22 -17.60
C CYS A 567 9.94 7.18 -18.31
N ARG A 568 9.59 8.47 -18.35
CA ARG A 568 10.51 9.49 -18.87
C ARG A 568 11.76 9.56 -18.00
N GLY A 569 11.58 9.30 -16.70
CA GLY A 569 12.69 9.27 -15.76
C GLY A 569 13.58 8.04 -15.83
N SER A 570 13.05 6.91 -16.28
CA SER A 570 13.87 5.69 -16.41
C SER A 570 13.42 4.79 -17.55
N THR A 571 14.02 5.00 -18.72
CA THR A 571 13.75 4.21 -19.91
C THR A 571 14.12 2.74 -19.72
N HIS A 572 15.19 2.48 -18.99
CA HIS A 572 15.62 1.11 -18.73
C HIS A 572 14.60 0.37 -17.88
N HIS A 573 14.15 1.00 -16.80
CA HIS A 573 13.20 0.36 -15.89
C HIS A 573 11.84 0.18 -16.56
N MET A 574 11.50 1.08 -17.49
CA MET A 574 10.30 0.92 -18.32
C MET A 574 10.33 -0.41 -19.08
N LYS A 575 11.46 -0.74 -19.68
CA LYS A 575 11.63 -1.99 -20.42
C LYS A 575 11.60 -3.21 -19.48
N VAL A 576 12.22 -3.07 -18.31
CA VAL A 576 12.18 -4.10 -17.27
C VAL A 576 10.74 -4.39 -16.86
N LEU A 577 9.94 -3.34 -16.71
CA LEU A 577 8.53 -3.48 -16.35
C LEU A 577 7.68 -4.05 -17.50
N MET A 578 8.04 -3.73 -18.74
CA MET A 578 7.35 -4.29 -19.91
C MET A 578 7.50 -5.81 -19.95
N LYS A 579 8.69 -6.29 -19.64
CA LYS A 579 8.97 -7.72 -19.54
C LYS A 579 8.05 -8.40 -18.53
N GLN A 580 7.83 -7.75 -17.39
CA GLN A 580 6.90 -8.24 -16.38
C GLN A 580 5.47 -8.27 -16.93
N GLY A 581 5.07 -7.19 -17.58
CA GLY A 581 3.76 -7.09 -18.23
C GLY A 581 3.52 -8.16 -19.28
N GLU A 582 4.55 -8.49 -20.05
CA GLU A 582 4.45 -9.53 -21.07
C GLU A 582 4.22 -10.91 -20.44
N ALA A 583 4.86 -11.16 -19.30
CA ALA A 583 4.66 -12.40 -18.56
C ALA A 583 3.24 -12.49 -18.01
N LEU A 584 2.75 -11.39 -17.42
CA LEU A 584 1.41 -11.37 -16.83
C LEU A 584 0.32 -11.53 -17.87
N SER A 585 0.55 -10.98 -19.07
CA SER A 585 -0.35 -11.16 -20.20
C SER A 585 -0.48 -12.64 -20.58
N LYS A 586 0.65 -13.35 -20.60
CA LYS A 586 0.64 -14.79 -20.92
C LYS A 586 -0.04 -15.61 -19.83
N LEU A 587 0.18 -15.25 -18.56
CA LEU A 587 -0.44 -15.93 -17.44
C LEU A 587 -1.97 -15.77 -17.44
N LYS A 588 -2.45 -14.58 -17.80
CA LYS A 588 -3.89 -14.35 -17.97
C LYS A 588 -4.46 -15.28 -19.05
N ALA A 589 -3.79 -15.36 -20.19
CA ALA A 589 -4.24 -16.23 -21.28
C ALA A 589 -4.19 -17.71 -20.86
N LEU A 590 -3.11 -18.09 -20.21
CA LEU A 590 -2.95 -19.45 -19.69
C LEU A 590 -4.04 -19.78 -18.66
N ASN A 591 -4.30 -18.84 -17.75
CA ASN A 591 -5.29 -19.06 -16.69
C ASN A 591 -6.72 -19.15 -17.23
N ASP A 592 -7.02 -18.35 -18.25
CA ASP A 592 -8.32 -18.46 -18.95
C ASP A 592 -8.51 -19.84 -19.57
N PHE A 593 -7.45 -20.39 -20.17
CA PHE A 593 -7.51 -21.75 -20.69
C PHE A 593 -7.79 -22.76 -19.57
N VAL A 594 -7.08 -22.61 -18.46
CA VAL A 594 -7.22 -23.53 -17.33
C VAL A 594 -8.64 -23.49 -16.76
N LYS A 595 -9.22 -22.29 -16.67
CA LYS A 595 -10.61 -22.14 -16.19
C LYS A 595 -11.60 -22.91 -17.08
N VAL A 596 -11.47 -22.76 -18.39
CA VAL A 596 -12.32 -23.47 -19.34
C VAL A 596 -12.07 -24.98 -19.28
N SER A 597 -10.79 -25.35 -19.36
CA SER A 597 -10.40 -26.76 -19.39
C SER A 597 -10.82 -27.53 -18.14
N SER A 598 -10.70 -26.89 -16.97
CA SER A 598 -11.03 -27.52 -15.69
C SER A 598 -12.50 -27.96 -15.57
N GLN A 599 -13.39 -27.32 -16.34
CA GLN A 599 -14.81 -27.67 -16.37
C GLN A 599 -15.14 -28.78 -17.36
N LYS A 600 -14.16 -29.21 -18.17
CA LYS A 600 -14.41 -30.15 -19.27
C LYS A 600 -13.63 -31.47 -19.19
N THR A 601 -12.57 -31.53 -18.39
CA THR A 601 -11.74 -32.74 -18.31
C THR A 601 -11.10 -32.89 -16.92
N THR A 602 -10.28 -33.93 -16.78
CA THR A 602 -9.64 -34.23 -15.50
C THR A 602 -8.42 -33.35 -15.29
N LYS A 603 -8.03 -33.18 -14.02
CA LYS A 603 -6.91 -32.30 -13.68
C LYS A 603 -5.59 -32.72 -14.32
N PRO A 604 -5.25 -34.03 -14.30
CA PRO A 604 -4.04 -34.47 -14.99
C PRO A 604 -4.00 -34.07 -16.47
N GLN A 605 -5.15 -34.07 -17.13
CA GLN A 605 -5.25 -33.69 -18.53
C GLN A 605 -5.16 -32.17 -18.74
N THR A 606 -5.81 -31.40 -17.86
CA THR A 606 -5.68 -29.94 -17.91
C THR A 606 -4.24 -29.53 -17.60
N LYS A 607 -3.62 -30.20 -16.64
CA LYS A 607 -2.24 -29.93 -16.25
C LYS A 607 -1.26 -30.22 -17.40
N GLU A 608 -1.51 -31.29 -18.14
CA GLU A 608 -0.65 -31.64 -19.27
C GLU A 608 -0.76 -30.62 -20.40
N MET A 609 -1.97 -30.19 -20.70
CA MET A 609 -2.18 -29.17 -21.73
C MET A 609 -1.70 -27.79 -21.29
N MET A 610 -1.76 -27.50 -20.00
CA MET A 610 -1.15 -26.29 -19.45
C MET A 610 0.35 -26.29 -19.77
N HIS A 611 1.00 -27.43 -19.55
CA HIS A 611 2.42 -27.57 -19.83
C HIS A 611 2.74 -27.44 -21.31
N MET A 612 1.93 -28.06 -22.17
CA MET A 612 2.10 -27.94 -23.62
C MET A 612 1.98 -26.48 -24.06
N CYS A 613 1.05 -25.75 -23.46
CA CYS A 613 0.90 -24.33 -23.76
C CYS A 613 2.14 -23.54 -23.34
N MET A 614 2.65 -23.85 -22.15
CA MET A 614 3.82 -23.17 -21.61
C MET A 614 5.09 -23.45 -22.41
N ARG A 615 5.20 -24.66 -22.96
CA ARG A 615 6.37 -25.04 -23.74
C ARG A 615 6.43 -24.37 -25.12
N GLN A 616 5.35 -23.69 -25.51
CA GLN A 616 5.38 -22.86 -26.73
C GLN A 616 6.45 -21.77 -26.60
N GLU A 617 7.13 -21.48 -27.69
CA GLU A 617 8.27 -20.56 -27.69
C GLU A 617 7.92 -19.18 -27.15
N THR A 618 6.77 -18.65 -27.56
CA THR A 618 6.30 -17.35 -27.07
C THR A 618 6.08 -17.36 -25.56
N TYR A 619 5.60 -18.48 -25.02
CA TYR A 619 5.38 -18.61 -23.57
C TYR A 619 6.69 -18.78 -22.81
N MET A 620 7.54 -19.71 -23.26
CA MET A 620 8.84 -19.92 -22.63
C MET A 620 9.66 -18.62 -22.56
N GLU A 621 9.61 -17.84 -23.62
CA GLU A 621 10.35 -16.58 -23.68
C GLU A 621 9.72 -15.54 -22.77
N ALA A 622 8.40 -15.39 -22.85
CA ALA A 622 7.68 -14.38 -22.07
C ALA A 622 7.72 -14.66 -20.57
N LEU A 623 7.67 -15.94 -20.19
CA LEU A 623 7.65 -16.32 -18.78
C LEU A 623 9.02 -16.49 -18.14
N SER A 624 10.09 -16.39 -18.93
CA SER A 624 11.44 -16.59 -18.39
C SER A 624 12.27 -15.31 -18.33
N HIS A 625 13.18 -15.26 -17.36
CA HIS A 625 14.18 -14.20 -17.24
C HIS A 625 13.56 -12.82 -17.02
N LEU A 626 12.97 -12.64 -15.85
CA LEU A 626 12.38 -11.37 -15.46
C LEU A 626 12.56 -11.14 -13.97
N GLN A 627 12.43 -9.88 -13.55
CA GLN A 627 12.38 -9.55 -12.14
C GLN A 627 10.97 -9.87 -11.65
N SER A 628 10.86 -10.38 -10.43
CA SER A 628 9.53 -10.69 -9.88
C SER A 628 8.78 -9.41 -9.54
N PRO A 629 7.54 -9.28 -10.02
CA PRO A 629 6.72 -8.14 -9.58
C PRO A 629 6.54 -8.07 -8.06
N LEU A 630 6.60 -9.23 -7.39
CA LEU A 630 6.47 -9.30 -5.94
C LEU A 630 7.67 -8.73 -5.20
N ASP A 631 8.84 -8.79 -5.83
CA ASP A 631 10.09 -8.33 -5.21
C ASP A 631 11.14 -8.20 -6.30
N PRO A 632 11.48 -6.96 -6.70
CA PRO A 632 12.38 -6.78 -7.83
C PRO A 632 13.77 -7.38 -7.62
N SER A 633 14.16 -7.61 -6.36
CA SER A 633 15.43 -8.25 -6.05
C SER A 633 15.41 -9.75 -6.36
N THR A 634 14.23 -10.36 -6.37
CA THR A 634 14.07 -11.76 -6.75
C THR A 634 14.04 -11.91 -8.27
N LEU A 635 14.92 -12.74 -8.80
CA LEU A 635 14.99 -13.00 -10.24
C LEU A 635 14.27 -14.28 -10.59
N LEU A 636 13.31 -14.21 -11.51
CA LEU A 636 12.61 -15.37 -12.02
C LEU A 636 13.29 -15.78 -13.33
N GLU A 637 14.19 -16.76 -13.24
CA GLU A 637 15.03 -17.10 -14.39
C GLU A 637 14.32 -18.10 -15.32
N GLU A 638 14.59 -19.40 -15.17
CA GLU A 638 13.99 -20.39 -16.06
C GLU A 638 12.73 -20.97 -15.43
N VAL A 639 11.63 -20.90 -16.18
CA VAL A 639 10.36 -21.46 -15.72
C VAL A 639 10.44 -22.98 -15.73
N CYS A 640 10.10 -23.59 -14.59
CA CYS A 640 10.13 -25.04 -14.44
CA CYS A 640 10.12 -25.04 -14.45
C CYS A 640 8.74 -25.61 -14.77
N VAL A 641 8.48 -25.82 -16.06
CA VAL A 641 7.17 -26.23 -16.55
C VAL A 641 6.61 -27.46 -15.84
N GLU A 642 7.45 -28.49 -15.67
CA GLU A 642 7.03 -29.75 -15.05
C GLU A 642 6.40 -29.57 -13.67
N GLN A 643 6.91 -28.59 -12.92
CA GLN A 643 6.43 -28.34 -11.56
C GLN A 643 5.31 -27.28 -11.49
N CYS A 644 4.88 -26.76 -12.63
CA CYS A 644 3.79 -25.79 -12.65
C CYS A 644 2.46 -26.53 -12.62
N THR A 645 1.47 -25.94 -11.94
CA THR A 645 0.14 -26.54 -11.86
C THR A 645 -0.89 -25.45 -11.59
N PHE A 646 -2.08 -25.84 -11.14
CA PHE A 646 -3.09 -24.89 -10.69
C PHE A 646 -3.82 -25.46 -9.48
N MET A 647 -4.36 -24.56 -8.65
CA MET A 647 -5.10 -24.96 -7.45
C MET A 647 -6.58 -25.12 -7.74
N ASP A 648 -7.27 -25.89 -6.89
CA ASP A 648 -8.66 -26.30 -7.15
C ASP A 648 -9.72 -25.25 -6.82
N SER A 649 -9.34 -24.15 -6.16
CA SER A 649 -10.31 -23.10 -5.81
C SER A 649 -10.98 -22.51 -7.06
N LYS A 650 -12.13 -21.86 -6.85
CA LYS A 650 -13.02 -21.44 -7.94
C LYS A 650 -12.31 -20.81 -9.14
N MET A 651 -11.37 -19.91 -8.87
CA MET A 651 -10.69 -19.15 -9.94
C MET A 651 -9.49 -19.87 -10.55
N LYS A 652 -9.17 -21.07 -10.04
CA LYS A 652 -8.10 -21.90 -10.59
C LYS A 652 -6.76 -21.13 -10.67
N PRO A 653 -6.27 -20.62 -9.52
CA PRO A 653 -5.02 -19.85 -9.55
C PRO A 653 -3.85 -20.69 -10.02
N LEU A 654 -2.97 -20.08 -10.82
CA LEU A 654 -1.84 -20.80 -11.39
C LEU A 654 -0.68 -20.84 -10.41
N TRP A 655 -0.03 -22.00 -10.36
CA TRP A 655 1.14 -22.23 -9.52
C TRP A 655 2.34 -22.30 -10.46
N ILE A 656 3.19 -21.27 -10.45
CA ILE A 656 4.33 -21.20 -11.37
C ILE A 656 5.66 -21.28 -10.62
N MET A 657 6.47 -22.28 -10.97
CA MET A 657 7.76 -22.51 -10.31
C MET A 657 8.92 -22.09 -11.20
N TYR A 658 9.96 -21.59 -10.55
CA TYR A 658 11.17 -21.12 -11.24
C TYR A 658 12.42 -21.74 -10.61
N SER A 659 13.50 -21.80 -11.37
CA SER A 659 14.81 -22.19 -10.84
C SER A 659 15.90 -21.30 -11.41
N SER A 660 17.00 -21.18 -10.68
CA SER A 660 18.15 -20.38 -11.11
C SER A 660 19.45 -21.07 -10.69
N GLU A 661 20.29 -21.36 -11.68
CA GLU A 661 21.57 -22.03 -11.45
C GLU A 661 22.48 -21.17 -10.58
N GLU A 662 22.53 -19.88 -10.88
CA GLU A 662 23.40 -18.94 -10.16
C GLU A 662 22.94 -18.69 -8.72
N ALA A 663 21.64 -18.79 -8.46
CA ALA A 663 21.09 -18.57 -7.13
C ALA A 663 21.13 -19.82 -6.25
N GLY A 664 21.11 -21.00 -6.88
CA GLY A 664 21.07 -22.26 -6.14
C GLY A 664 19.69 -22.54 -5.59
N SER A 665 19.62 -22.97 -4.34
CA SER A 665 18.34 -23.29 -3.69
C SER A 665 17.45 -22.06 -3.48
N ALA A 666 18.08 -20.90 -3.27
CA ALA A 666 17.35 -19.63 -3.14
C ALA A 666 16.70 -19.21 -4.46
N GLY A 667 17.20 -19.73 -5.57
CA GLY A 667 16.62 -19.50 -6.90
C GLY A 667 15.35 -20.30 -7.15
N ASN A 668 15.12 -21.32 -6.33
CA ASN A 668 13.89 -22.11 -6.41
C ASN A 668 12.76 -21.35 -5.75
N VAL A 669 12.00 -20.63 -6.57
CA VAL A 669 10.93 -19.77 -6.08
C VAL A 669 9.65 -20.00 -6.86
N GLY A 670 8.52 -19.79 -6.19
CA GLY A 670 7.22 -19.96 -6.82
C GLY A 670 6.39 -18.68 -6.72
N ILE A 671 5.56 -18.46 -7.72
CA ILE A 671 4.57 -17.39 -7.68
C ILE A 671 3.21 -17.95 -8.03
N ILE A 672 2.18 -17.38 -7.43
CA ILE A 672 0.81 -17.73 -7.74
C ILE A 672 0.17 -16.56 -8.47
N PHE A 673 -0.45 -16.86 -9.60
CA PHE A 673 -1.20 -15.89 -10.38
C PHE A 673 -2.67 -16.17 -10.17
N LYS A 674 -3.40 -15.18 -9.66
CA LYS A 674 -4.83 -15.32 -9.41
C LYS A 674 -5.61 -14.21 -10.09
N ASN A 675 -6.60 -14.61 -10.89
CA ASN A 675 -7.41 -13.69 -11.68
C ASN A 675 -8.89 -14.00 -11.53
N GLY A 676 -9.70 -12.98 -11.25
CA GLY A 676 -11.15 -13.15 -11.13
C GLY A 676 -11.74 -12.71 -9.80
N ASP A 677 -10.90 -12.58 -8.77
CA ASP A 677 -11.33 -12.11 -7.46
C ASP A 677 -10.80 -10.73 -7.16
N ASP A 678 -11.55 -9.97 -6.38
CA ASP A 678 -11.07 -8.70 -5.83
C ASP A 678 -10.14 -9.03 -4.68
N LEU A 679 -8.86 -8.67 -4.83
CA LEU A 679 -7.83 -9.02 -3.85
C LEU A 679 -7.47 -7.87 -2.91
N ARG A 680 -8.00 -6.68 -3.19
CA ARG A 680 -7.56 -5.44 -2.52
C ARG A 680 -7.65 -5.51 -1.00
N GLN A 681 -8.77 -6.01 -0.48
CA GLN A 681 -8.97 -6.10 0.96
C GLN A 681 -7.98 -7.06 1.63
N ASP A 682 -7.77 -8.23 1.03
CA ASP A 682 -6.81 -9.19 1.54
C ASP A 682 -5.38 -8.65 1.47
N MET A 683 -5.09 -7.89 0.42
CA MET A 683 -3.78 -7.25 0.25
C MET A 683 -3.52 -6.25 1.36
N LEU A 684 -4.55 -5.50 1.74
CA LEU A 684 -4.47 -4.56 2.86
C LEU A 684 -4.22 -5.30 4.17
N THR A 685 -4.97 -6.37 4.40
CA THR A 685 -4.81 -7.18 5.61
C THR A 685 -3.38 -7.69 5.78
N LEU A 686 -2.83 -8.22 4.70
CA LEU A 686 -1.47 -8.74 4.71
C LEU A 686 -0.44 -7.64 4.98
N GLN A 687 -0.63 -6.48 4.39
CA GLN A 687 0.26 -5.35 4.63
CA GLN A 687 0.24 -5.31 4.63
C GLN A 687 0.23 -4.94 6.10
N MET A 688 -0.97 -4.93 6.69
CA MET A 688 -1.12 -4.56 8.09
C MET A 688 -0.45 -5.57 9.03
N ILE A 689 -0.60 -6.87 8.72
CA ILE A 689 0.11 -7.92 9.46
C ILE A 689 1.61 -7.72 9.32
N GLN A 690 2.05 -7.42 8.10
CA GLN A 690 3.46 -7.07 7.82
C GLN A 690 3.94 -5.93 8.72
N LEU A 691 3.14 -4.87 8.81
CA LEU A 691 3.46 -3.73 9.68
C LEU A 691 3.56 -4.16 11.15
N MET A 692 2.61 -4.98 11.59
CA MET A 692 2.63 -5.49 12.97
C MET A 692 3.95 -6.19 13.27
N ASP A 693 4.38 -7.04 12.34
CA ASP A 693 5.63 -7.77 12.46
C ASP A 693 6.83 -6.84 12.63
N VAL A 694 6.87 -5.77 11.85
CA VAL A 694 7.94 -4.78 11.94
C VAL A 694 7.92 -4.09 13.31
N LEU A 695 6.73 -3.73 13.77
CA LEU A 695 6.58 -3.04 15.06
C LEU A 695 6.97 -3.93 16.24
N TRP A 696 6.65 -5.21 16.15
CA TRP A 696 7.06 -6.16 17.19
C TRP A 696 8.56 -6.34 17.20
N LYS A 697 9.14 -6.54 16.01
CA LYS A 697 10.60 -6.72 15.88
C LYS A 697 11.38 -5.48 16.36
N GLN A 698 10.80 -4.29 16.17
CA GLN A 698 11.41 -3.05 16.68
C GLN A 698 11.53 -3.04 18.20
N GLU A 699 10.63 -3.75 18.88
CA GLU A 699 10.69 -3.90 20.35
C GLU A 699 11.38 -5.19 20.78
N GLY A 700 12.13 -5.81 19.87
CA GLY A 700 12.84 -7.05 20.16
C GLY A 700 11.98 -8.30 20.28
N LEU A 701 10.75 -8.24 19.77
CA LEU A 701 9.83 -9.38 19.79
C LEU A 701 9.69 -9.96 18.39
N ASP A 702 10.26 -11.13 18.16
CA ASP A 702 10.13 -11.83 16.89
C ASP A 702 9.14 -12.99 17.02
N LEU A 703 7.94 -12.81 16.48
CA LEU A 703 6.90 -13.84 16.56
C LEU A 703 6.92 -14.77 15.34
N ARG A 704 8.02 -14.76 14.60
CA ARG A 704 8.25 -15.70 13.49
C ARG A 704 7.09 -15.69 12.51
N MET A 705 6.72 -14.49 12.05
CA MET A 705 5.62 -14.33 11.10
C MET A 705 6.09 -14.68 9.69
N THR A 706 5.15 -14.80 8.77
CA THR A 706 5.44 -15.09 7.37
C THR A 706 4.77 -14.03 6.50
N PRO A 707 5.42 -12.86 6.37
CA PRO A 707 4.86 -11.78 5.54
C PRO A 707 5.13 -12.02 4.06
N TYR A 708 4.46 -13.02 3.49
CA TYR A 708 4.70 -13.41 2.09
C TYR A 708 4.21 -12.31 1.15
N GLY A 709 4.94 -12.12 0.05
CA GLY A 709 4.63 -11.11 -0.93
C GLY A 709 3.25 -11.28 -1.54
N CYS A 710 2.62 -10.15 -1.80
CA CYS A 710 1.30 -10.11 -2.40
C CYS A 710 1.16 -8.76 -3.11
N LEU A 711 0.73 -8.78 -4.37
CA LEU A 711 0.72 -7.57 -5.19
C LEU A 711 -0.44 -7.55 -6.17
N PRO A 712 -1.25 -6.47 -6.15
CA PRO A 712 -2.23 -6.30 -7.22
C PRO A 712 -1.53 -5.86 -8.50
N THR A 713 -1.92 -6.44 -9.63
CA THR A 713 -1.28 -6.13 -10.93
C THR A 713 -2.25 -5.61 -11.98
N GLY A 714 -3.55 -5.89 -11.81
CA GLY A 714 -4.56 -5.44 -12.75
C GLY A 714 -5.96 -5.69 -12.23
N ASP A 715 -6.94 -5.58 -13.13
CA ASP A 715 -8.36 -5.74 -12.78
C ASP A 715 -8.62 -7.13 -12.20
N ARG A 716 -8.92 -7.18 -10.90
CA ARG A 716 -9.13 -8.45 -10.19
C ARG A 716 -8.02 -9.45 -10.47
N THR A 717 -6.79 -8.94 -10.51
CA THR A 717 -5.62 -9.76 -10.83
C THR A 717 -4.49 -9.41 -9.88
N GLY A 718 -3.73 -10.41 -9.49
CA GLY A 718 -2.60 -10.19 -8.60
C GLY A 718 -1.69 -11.39 -8.55
N LEU A 719 -0.51 -11.18 -7.97
CA LEU A 719 0.44 -12.26 -7.72
C LEU A 719 0.59 -12.48 -6.24
N ILE A 720 0.95 -13.71 -5.88
CA ILE A 720 1.22 -14.10 -4.50
C ILE A 720 2.53 -14.89 -4.48
N GLU A 721 3.39 -14.55 -3.51
CA GLU A 721 4.64 -15.28 -3.31
C GLU A 721 4.31 -16.64 -2.68
N VAL A 722 4.78 -17.70 -3.31
CA VAL A 722 4.60 -19.05 -2.78
C VAL A 722 5.48 -19.26 -1.55
N VAL A 723 4.90 -19.77 -0.47
CA VAL A 723 5.69 -20.24 0.67
C VAL A 723 5.88 -21.75 0.49
N LEU A 724 7.12 -22.14 0.19
CA LEU A 724 7.44 -23.54 -0.08
C LEU A 724 7.57 -24.32 1.22
N HIS A 725 7.55 -25.65 1.09
CA HIS A 725 7.70 -26.55 2.24
C HIS A 725 6.66 -26.23 3.32
N SER A 726 5.40 -26.18 2.89
CA SER A 726 4.29 -25.92 3.78
C SER A 726 3.05 -26.66 3.30
N ASP A 727 2.08 -26.84 4.18
CA ASP A 727 0.84 -27.52 3.82
C ASP A 727 -0.29 -26.96 4.68
N THR A 728 -1.53 -27.18 4.25
CA THR A 728 -2.68 -26.68 4.99
C THR A 728 -2.92 -27.54 6.23
N ILE A 729 -3.51 -26.92 7.24
CA ILE A 729 -3.89 -27.62 8.47
C ILE A 729 -4.90 -28.70 8.11
N ALA A 730 -5.82 -28.38 7.20
CA ALA A 730 -6.81 -29.32 6.69
C ALA A 730 -6.15 -30.59 6.12
N ASN A 731 -5.17 -30.40 5.24
CA ASN A 731 -4.44 -31.53 4.63
C ASN A 731 -3.77 -32.42 5.67
N ILE A 732 -3.14 -31.80 6.66
CA ILE A 732 -2.45 -32.54 7.71
C ILE A 732 -3.45 -33.27 8.60
N GLN A 733 -4.57 -32.61 8.90
CA GLN A 733 -5.59 -33.18 9.78
C GLN A 733 -6.44 -34.27 9.11
N LEU A 734 -6.26 -34.51 7.82
CA LEU A 734 -6.89 -35.65 7.15
C LEU A 734 -6.42 -36.98 7.77
N ASN A 735 -5.21 -36.98 8.34
CA ASN A 735 -4.67 -38.14 9.05
C ASN A 735 -4.59 -39.39 8.16
N LYS A 736 -4.28 -39.14 6.89
CA LYS A 736 -3.88 -40.15 5.92
C LYS A 736 -2.99 -41.26 6.49
N SER A 737 -3.28 -42.50 6.10
CA SER A 737 -2.49 -43.66 6.55
C SER A 737 -1.25 -43.85 5.67
N ASN A 738 -0.37 -44.75 6.10
CA ASN A 738 0.91 -45.01 5.41
C ASN A 738 1.79 -43.76 5.32
N MET A 739 1.79 -42.98 6.39
CA MET A 739 2.54 -41.72 6.45
C MET A 739 3.24 -41.61 7.81
N ALA A 740 4.28 -40.79 7.86
CA ALA A 740 5.02 -40.57 9.10
C ALA A 740 4.16 -39.86 10.15
N ALA A 741 3.25 -38.99 9.69
CA ALA A 741 2.40 -38.20 10.58
C ALA A 741 1.19 -38.97 11.15
N THR A 742 0.93 -40.18 10.64
CA THR A 742 -0.20 -41.01 11.09
C THR A 742 -0.27 -41.08 12.61
N ALA A 743 -1.48 -40.98 13.17
CA ALA A 743 -1.66 -40.82 14.61
C ALA A 743 -2.82 -41.64 15.19
N ALA A 744 -2.70 -41.95 16.48
CA ALA A 744 -3.73 -42.71 17.20
C ALA A 744 -4.98 -41.87 17.49
N PHE A 745 -4.77 -40.56 17.65
CA PHE A 745 -5.85 -39.61 17.85
C PHE A 745 -5.66 -38.43 16.89
N ASN A 746 -6.76 -37.90 16.36
CA ASN A 746 -6.68 -36.82 15.37
C ASN A 746 -5.99 -35.56 15.89
N LYS A 747 -6.10 -35.30 17.20
CA LYS A 747 -5.43 -34.17 17.83
C LYS A 747 -3.90 -34.20 17.72
N ASP A 748 -3.33 -35.40 17.58
CA ASP A 748 -1.87 -35.56 17.49
C ASP A 748 -1.32 -35.52 16.05
N ALA A 749 -2.20 -35.34 15.06
CA ALA A 749 -1.80 -35.30 13.66
C ALA A 749 -0.81 -34.16 13.38
N LEU A 750 -1.14 -32.96 13.85
CA LEU A 750 -0.28 -31.79 13.67
C LEU A 750 1.08 -31.97 14.33
N LEU A 751 1.07 -32.46 15.57
CA LEU A 751 2.29 -32.67 16.33
C LEU A 751 3.16 -33.76 15.69
N ASN A 752 2.52 -34.86 15.29
CA ASN A 752 3.23 -35.93 14.57
C ASN A 752 3.84 -35.45 13.26
N TRP A 753 3.13 -34.57 12.56
CA TRP A 753 3.64 -33.97 11.32
C TRP A 753 4.90 -33.16 11.62
N LEU A 754 4.84 -32.33 12.66
CA LEU A 754 6.00 -31.54 13.08
C LEU A 754 7.19 -32.41 13.46
N LYS A 755 6.93 -33.51 14.18
CA LYS A 755 7.98 -34.46 14.56
C LYS A 755 8.66 -35.08 13.35
N SER A 756 7.87 -35.44 12.33
CA SER A 756 8.41 -36.04 11.10
C SER A 756 9.32 -35.07 10.34
N LYS A 757 8.97 -33.79 10.38
CA LYS A 757 9.76 -32.74 9.72
C LYS A 757 10.93 -32.25 10.58
N ASN A 758 10.83 -32.47 11.91
CA ASN A 758 11.85 -31.99 12.85
C ASN A 758 12.23 -33.08 13.86
N PRO A 759 13.08 -34.04 13.44
CA PRO A 759 13.46 -35.14 14.33
C PRO A 759 14.42 -34.71 15.45
N GLY A 760 14.40 -35.46 16.55
CA GLY A 760 15.35 -35.27 17.65
C GLY A 760 15.21 -33.95 18.37
N GLU A 761 16.34 -33.25 18.54
CA GLU A 761 16.39 -31.99 19.28
C GLU A 761 15.74 -30.83 18.53
N ALA A 762 15.58 -30.98 17.21
CA ALA A 762 14.98 -29.94 16.38
C ALA A 762 13.47 -29.75 16.61
N LEU A 763 12.83 -30.73 17.25
CA LEU A 763 11.40 -30.63 17.57
C LEU A 763 11.06 -29.45 18.48
N ASP A 764 11.91 -29.20 19.47
CA ASP A 764 11.68 -28.12 20.45
C ASP A 764 11.57 -26.74 19.78
N ARG A 765 12.45 -26.47 18.82
CA ARG A 765 12.42 -25.18 18.12
C ARG A 765 11.15 -25.03 17.27
N ALA A 766 10.73 -26.12 16.63
CA ALA A 766 9.53 -26.10 15.79
C ALA A 766 8.28 -25.78 16.59
N ILE A 767 8.16 -26.36 17.79
CA ILE A 767 7.03 -26.06 18.68
C ILE A 767 7.05 -24.59 19.12
N GLU A 768 8.25 -24.06 19.35
CA GLU A 768 8.41 -22.63 19.69
C GLU A 768 8.02 -21.74 18.52
N GLU A 769 8.50 -22.08 17.32
CA GLU A 769 8.16 -21.36 16.09
C GLU A 769 6.64 -21.37 15.88
N PHE A 770 6.03 -22.53 16.13
CA PHE A 770 4.58 -22.67 16.08
C PHE A 770 3.90 -21.81 17.13
N THR A 771 4.42 -21.84 18.35
CA THR A 771 3.84 -21.08 19.46
C THR A 771 3.92 -19.58 19.23
N LEU A 772 5.08 -19.11 18.77
CA LEU A 772 5.29 -17.69 18.51
C LEU A 772 4.39 -17.17 17.40
N SER A 773 4.39 -17.86 16.26
CA SER A 773 3.56 -17.47 15.12
C SER A 773 2.08 -17.53 15.46
N CYS A 774 1.68 -18.55 16.22
CA CYS A 774 0.30 -18.66 16.65
C CYS A 774 -0.14 -17.42 17.44
N ALA A 775 0.72 -16.97 18.36
CA ALA A 775 0.43 -15.76 19.14
C ALA A 775 0.29 -14.55 18.24
N GLY A 776 1.23 -14.39 17.31
CA GLY A 776 1.20 -13.28 16.38
C GLY A 776 -0.09 -13.20 15.58
N TYR A 777 -0.48 -14.32 14.96
CA TYR A 777 -1.68 -14.33 14.13
C TYR A 777 -2.97 -14.28 14.94
N CYS A 778 -2.97 -14.86 16.14
CA CYS A 778 -4.11 -14.72 17.06
C CYS A 778 -4.40 -13.25 17.40
N VAL A 779 -3.35 -12.50 17.71
CA VAL A 779 -3.50 -11.07 18.04
C VAL A 779 -3.82 -10.25 16.80
N ALA A 780 -3.16 -10.56 15.69
CA ALA A 780 -3.39 -9.84 14.43
C ALA A 780 -4.84 -9.95 13.97
N THR A 781 -5.37 -11.17 13.97
CA THR A 781 -6.75 -11.40 13.51
C THR A 781 -7.78 -10.83 14.48
N TYR A 782 -7.46 -10.85 15.78
CA TYR A 782 -8.32 -10.24 16.78
C TYR A 782 -8.41 -8.72 16.60
N VAL A 783 -7.25 -8.07 16.47
CA VAL A 783 -7.19 -6.62 16.30
C VAL A 783 -7.86 -6.18 15.00
N LEU A 784 -7.60 -6.90 13.92
CA LEU A 784 -8.17 -6.58 12.61
C LEU A 784 -9.62 -7.05 12.46
N GLY A 785 -10.08 -7.87 13.40
CA GLY A 785 -11.48 -8.29 13.40
C GLY A 785 -11.76 -9.32 12.33
N ILE A 786 -10.89 -10.30 12.22
CA ILE A 786 -10.98 -11.34 11.20
C ILE A 786 -11.54 -12.62 11.84
N GLY A 787 -12.73 -13.01 11.39
CA GLY A 787 -13.33 -14.29 11.78
C GLY A 787 -13.29 -15.25 10.60
N ASP A 788 -14.19 -16.24 10.62
CA ASP A 788 -14.24 -17.27 9.57
C ASP A 788 -12.89 -18.00 9.46
N ARG A 789 -12.33 -18.34 10.61
CA ARG A 789 -11.01 -18.98 10.67
C ARG A 789 -11.14 -20.49 10.78
N HIS A 790 -10.78 -21.20 9.71
CA HIS A 790 -10.85 -22.65 9.66
C HIS A 790 -9.61 -23.24 8.99
N SER A 791 -9.48 -24.56 9.05
CA SER A 791 -8.23 -25.26 8.70
C SER A 791 -7.80 -25.16 7.22
N ASP A 792 -8.75 -24.89 6.32
CA ASP A 792 -8.43 -24.71 4.90
C ASP A 792 -7.66 -23.42 4.60
N ASN A 793 -7.84 -22.39 5.43
CA ASN A 793 -7.17 -21.10 5.20
C ASN A 793 -5.95 -20.85 6.09
N ILE A 794 -5.55 -21.85 6.86
CA ILE A 794 -4.33 -21.77 7.67
C ILE A 794 -3.34 -22.80 7.15
N MET A 795 -2.08 -22.38 7.00
CA MET A 795 -1.02 -23.25 6.55
C MET A 795 0.09 -23.30 7.60
N ILE A 796 0.88 -24.37 7.55
CA ILE A 796 2.01 -24.52 8.45
C ILE A 796 3.26 -24.89 7.66
N ARG A 797 4.36 -24.20 7.96
CA ARG A 797 5.66 -24.53 7.37
C ARG A 797 6.31 -25.67 8.14
N GLU A 798 7.25 -26.35 7.48
CA GLU A 798 7.97 -27.48 8.08
C GLU A 798 8.81 -27.04 9.29
N SER A 799 9.15 -25.74 9.32
CA SER A 799 9.80 -25.14 10.48
C SER A 799 8.87 -25.02 11.70
N GLY A 800 7.56 -25.15 11.48
CA GLY A 800 6.58 -25.02 12.55
C GLY A 800 5.78 -23.73 12.46
N GLN A 801 6.24 -22.79 11.64
CA GLN A 801 5.60 -21.48 11.50
C GLN A 801 4.22 -21.58 10.86
N LEU A 802 3.25 -20.98 11.52
CA LEU A 802 1.87 -20.94 11.08
C LEU A 802 1.60 -19.61 10.36
N PHE A 803 0.84 -19.66 9.27
CA PHE A 803 0.42 -18.44 8.56
C PHE A 803 -0.93 -18.62 7.87
N HIS A 804 -1.54 -17.50 7.47
CA HIS A 804 -2.90 -17.48 6.93
C HIS A 804 -2.92 -17.18 5.42
N ILE A 805 -3.79 -17.86 4.69
CA ILE A 805 -3.87 -17.72 3.22
C ILE A 805 -5.24 -17.25 2.70
N ASP A 806 -6.17 -16.97 3.60
CA ASP A 806 -7.45 -16.38 3.23
C ASP A 806 -8.05 -15.74 4.47
N PHE A 807 -8.81 -14.67 4.29
CA PHE A 807 -9.39 -13.94 5.42
C PHE A 807 -10.93 -13.92 5.23
N GLY A 808 -11.61 -12.85 4.78
CA GLY A 808 -11.15 -11.46 4.76
C GLY A 808 -12.12 -10.56 4.02
N HIS A 809 -13.17 -10.03 4.64
CA HIS A 809 -13.59 -10.22 6.06
C HIS A 809 -12.66 -9.68 7.15
N PHE A 810 -12.75 -8.37 7.40
CA PHE A 810 -12.08 -7.76 8.56
C PHE A 810 -12.95 -6.66 9.21
N LEU A 811 -12.42 -6.06 10.28
CA LEU A 811 -13.11 -4.98 11.00
C LEU A 811 -14.56 -5.33 11.38
N GLY A 812 -14.77 -6.59 11.77
CA GLY A 812 -16.09 -7.06 12.17
C GLY A 812 -17.11 -7.18 11.05
N ASN A 813 -16.63 -7.17 9.81
CA ASN A 813 -17.51 -7.32 8.65
C ASN A 813 -17.50 -8.77 8.17
N PHE A 814 -18.17 -9.62 8.96
CA PHE A 814 -18.46 -11.01 8.60
C PHE A 814 -18.92 -11.15 7.14
N ARG A 824 -18.70 -7.73 15.91
CA ARG A 824 -17.68 -7.87 16.95
C ARG A 824 -17.19 -9.32 17.03
N VAL A 825 -16.04 -9.61 16.44
CA VAL A 825 -15.48 -10.96 16.48
C VAL A 825 -14.68 -11.14 17.77
N PRO A 826 -14.81 -12.30 18.42
CA PRO A 826 -14.03 -12.55 19.64
C PRO A 826 -12.61 -13.00 19.32
N PHE A 827 -11.78 -13.08 20.36
CA PHE A 827 -10.45 -13.68 20.27
C PHE A 827 -10.65 -15.17 20.02
N ILE A 828 -9.80 -15.76 19.19
CA ILE A 828 -9.98 -17.16 18.76
C ILE A 828 -8.79 -18.03 19.14
N LEU A 829 -9.06 -19.07 19.93
CA LEU A 829 -8.06 -20.08 20.30
C LEU A 829 -8.56 -21.47 19.88
N THR A 830 -7.82 -22.12 18.99
CA THR A 830 -8.19 -23.45 18.50
C THR A 830 -7.54 -24.53 19.35
N TYR A 831 -8.32 -25.55 19.71
CA TYR A 831 -7.88 -26.62 20.59
C TYR A 831 -6.67 -27.39 20.05
N ASP A 832 -6.68 -27.69 18.76
CA ASP A 832 -5.57 -28.43 18.13
C ASP A 832 -4.25 -27.65 18.16
N PHE A 833 -4.33 -26.33 18.12
CA PHE A 833 -3.14 -25.48 18.21
C PHE A 833 -2.64 -25.41 19.66
N VAL A 834 -3.58 -25.25 20.59
CA VAL A 834 -3.27 -25.27 22.02
C VAL A 834 -2.59 -26.58 22.37
N HIS A 835 -3.04 -27.67 21.77
CA HIS A 835 -2.47 -29.00 21.99
C HIS A 835 -1.00 -29.06 21.58
N VAL A 836 -0.66 -28.46 20.45
CA VAL A 836 0.73 -28.42 19.98
C VAL A 836 1.58 -27.50 20.87
N ILE A 837 0.99 -26.39 21.30
CA ILE A 837 1.67 -25.44 22.18
C ILE A 837 2.01 -26.11 23.51
N GLN A 838 1.09 -26.92 24.02
CA GLN A 838 1.30 -27.67 25.27
C GLN A 838 2.09 -28.97 25.06
N GLN A 839 2.84 -29.05 23.95
CA GLN A 839 3.73 -30.18 23.65
C GLN A 839 3.00 -31.53 23.61
N GLY A 840 1.71 -31.51 23.27
CA GLY A 840 0.89 -32.72 23.23
C GLY A 840 0.35 -33.16 24.58
N LYS A 841 0.67 -32.44 25.64
CA LYS A 841 0.23 -32.78 26.99
C LYS A 841 -1.13 -32.16 27.28
N THR A 842 -1.92 -32.86 28.11
CA THR A 842 -3.25 -32.41 28.49
C THR A 842 -3.17 -31.18 29.41
N ASN A 843 -2.23 -31.23 30.35
CA ASN A 843 -1.98 -30.13 31.26
C ASN A 843 -0.56 -29.62 31.08
N ASN A 844 -0.41 -28.34 30.75
CA ASN A 844 0.90 -27.72 30.60
C ASN A 844 0.76 -26.20 30.69
N SER A 845 0.53 -25.73 31.91
CA SER A 845 0.36 -24.31 32.17
C SER A 845 1.63 -23.53 31.85
N GLU A 846 2.79 -24.14 32.12
CA GLU A 846 4.08 -23.51 31.85
C GLU A 846 4.16 -23.04 30.40
N LYS A 847 3.90 -23.94 29.45
CA LYS A 847 3.97 -23.61 28.04
C LYS A 847 2.79 -22.75 27.59
N PHE A 848 1.59 -23.03 28.09
CA PHE A 848 0.40 -22.27 27.70
C PHE A 848 0.44 -20.82 28.19
N GLU A 849 0.93 -20.60 29.41
CA GLU A 849 1.02 -19.24 29.94
C GLU A 849 2.15 -18.44 29.31
N ARG A 850 3.22 -19.11 28.87
CA ARG A 850 4.23 -18.45 28.03
C ARG A 850 3.56 -17.89 26.78
N PHE A 851 2.75 -18.73 26.14
CA PHE A 851 1.98 -18.34 24.96
C PHE A 851 1.06 -17.14 25.26
N ARG A 852 0.40 -17.16 26.41
CA ARG A 852 -0.42 -16.02 26.83
C ARG A 852 0.44 -14.76 26.97
N GLY A 853 1.64 -14.93 27.51
CA GLY A 853 2.60 -13.84 27.65
C GLY A 853 3.00 -13.23 26.31
N TYR A 854 3.23 -14.08 25.31
CA TYR A 854 3.54 -13.62 23.96
C TYR A 854 2.39 -12.79 23.40
N CYS A 855 1.17 -13.32 23.52
CA CYS A 855 -0.03 -12.63 23.05
C CYS A 855 -0.21 -11.27 23.70
N GLU A 856 0.06 -11.18 25.00
CA GLU A 856 -0.08 -9.93 25.75
C GLU A 856 0.97 -8.90 25.34
N ARG A 857 2.23 -9.34 25.22
CA ARG A 857 3.30 -8.46 24.76
C ARG A 857 3.03 -7.93 23.35
N ALA A 858 2.60 -8.83 22.47
CA ALA A 858 2.25 -8.46 21.09
C ALA A 858 1.13 -7.43 21.09
N TYR A 859 0.11 -7.65 21.91
CA TYR A 859 -1.04 -6.77 21.98
C TYR A 859 -0.69 -5.39 22.54
N THR A 860 0.12 -5.34 23.59
CA THR A 860 0.51 -4.06 24.21
C THR A 860 1.38 -3.21 23.27
N ILE A 861 2.21 -3.87 22.45
CA ILE A 861 3.05 -3.14 21.49
C ILE A 861 2.19 -2.45 20.42
N LEU A 862 1.19 -3.16 19.89
CA LEU A 862 0.29 -2.59 18.88
C LEU A 862 -0.51 -1.41 19.43
N ARG A 863 -0.94 -1.51 20.69
CA ARG A 863 -1.64 -0.41 21.36
C ARG A 863 -0.83 0.89 21.36
N ARG A 864 0.47 0.78 21.54
CA ARG A 864 1.37 1.94 21.58
C ARG A 864 1.54 2.61 20.22
N HIS A 865 1.28 1.86 19.14
CA HIS A 865 1.24 2.43 17.78
C HIS A 865 -0.18 2.45 17.25
N GLY A 866 -1.16 2.48 18.15
CA GLY A 866 -2.57 2.49 17.76
C GLY A 866 -2.91 3.61 16.80
N LEU A 867 -2.35 4.79 17.05
CA LEU A 867 -2.60 5.97 16.21
C LEU A 867 -2.10 5.78 14.78
N LEU A 868 -0.98 5.08 14.60
CA LEU A 868 -0.46 4.79 13.26
C LEU A 868 -1.46 3.97 12.45
N PHE A 869 -2.02 2.92 13.06
CA PHE A 869 -3.04 2.11 12.41
C PHE A 869 -4.28 2.93 12.05
N LEU A 870 -4.75 3.74 13.00
CA LEU A 870 -5.92 4.60 12.75
C LEU A 870 -5.70 5.58 11.61
N HIS A 871 -4.51 6.17 11.54
CA HIS A 871 -4.18 7.12 10.48
C HIS A 871 -4.06 6.45 9.11
N LEU A 872 -3.45 5.27 9.07
CA LEU A 872 -3.31 4.52 7.81
C LEU A 872 -4.68 4.05 7.30
N PHE A 873 -5.48 3.47 8.18
CA PHE A 873 -6.84 3.03 7.82
C PHE A 873 -7.74 4.20 7.40
N ALA A 874 -7.53 5.37 8.00
CA ALA A 874 -8.26 6.58 7.59
C ALA A 874 -7.93 6.95 6.15
N LEU A 875 -6.65 6.89 5.79
CA LEU A 875 -6.21 7.17 4.42
C LEU A 875 -6.72 6.10 3.44
N MET A 876 -6.88 4.87 3.90
CA MET A 876 -7.39 3.78 3.06
C MET A 876 -8.87 3.91 2.70
N ARG A 877 -9.59 4.81 3.39
CA ARG A 877 -10.98 5.10 3.02
C ARG A 877 -11.09 5.69 1.61
N ALA A 878 -9.98 6.24 1.11
CA ALA A 878 -9.91 6.70 -0.28
C ALA A 878 -10.03 5.56 -1.29
N ALA A 879 -9.69 4.34 -0.87
CA ALA A 879 -9.65 3.19 -1.78
C ALA A 879 -11.03 2.68 -2.20
N GLY A 880 -12.05 2.98 -1.42
CA GLY A 880 -13.42 2.58 -1.73
C GLY A 880 -13.69 1.09 -1.51
N LEU A 881 -12.92 0.48 -0.61
CA LEU A 881 -13.17 -0.92 -0.21
C LEU A 881 -14.56 -1.02 0.42
N PRO A 882 -15.33 -2.06 0.04
CA PRO A 882 -16.69 -2.22 0.60
C PRO A 882 -16.74 -2.25 2.13
N GLU A 883 -15.74 -2.88 2.75
CA GLU A 883 -15.73 -3.06 4.21
C GLU A 883 -14.88 -2.02 4.96
N LEU A 884 -14.39 -1.01 4.23
CA LEU A 884 -13.68 0.12 4.83
C LEU A 884 -14.28 1.42 4.27
N SER A 885 -15.54 1.66 4.64
CA SER A 885 -16.34 2.73 4.04
C SER A 885 -16.61 3.92 4.98
N CYS A 886 -16.87 3.63 6.25
CA CYS A 886 -17.36 4.65 7.19
C CYS A 886 -16.61 4.64 8.53
N SER A 887 -17.04 5.49 9.45
CA SER A 887 -16.40 5.63 10.76
C SER A 887 -16.57 4.42 11.68
N LYS A 888 -17.63 3.64 11.45
CA LYS A 888 -17.86 2.41 12.23
C LYS A 888 -16.77 1.37 11.99
N ASP A 889 -16.20 1.38 10.78
CA ASP A 889 -15.09 0.50 10.44
C ASP A 889 -13.82 0.93 11.17
N ILE A 890 -13.60 2.24 11.26
CA ILE A 890 -12.48 2.82 12.01
C ILE A 890 -12.71 2.62 13.52
N GLN A 891 -13.96 2.72 13.95
CA GLN A 891 -14.33 2.54 15.36
C GLN A 891 -13.95 1.16 15.88
N TYR A 892 -14.01 0.15 15.01
CA TYR A 892 -13.65 -1.22 15.37
C TYR A 892 -12.22 -1.31 15.91
N LEU A 893 -11.29 -0.60 15.28
CA LEU A 893 -9.89 -0.59 15.71
C LEU A 893 -9.70 0.05 17.08
N LYS A 894 -10.41 1.14 17.33
CA LYS A 894 -10.37 1.80 18.64
C LYS A 894 -10.78 0.82 19.74
N ASP A 895 -11.84 0.06 19.47
CA ASP A 895 -12.36 -0.92 20.42
C ASP A 895 -11.41 -2.10 20.59
N SER A 896 -10.85 -2.58 19.48
CA SER A 896 -9.97 -3.75 19.52
C SER A 896 -8.65 -3.46 20.23
N LEU A 897 -8.11 -2.26 20.01
CA LEU A 897 -6.87 -1.84 20.68
C LEU A 897 -7.13 -1.06 21.98
N ALA A 898 -8.40 -0.82 22.30
CA ALA A 898 -8.79 -0.16 23.55
C ALA A 898 -7.99 1.11 23.81
N LEU A 899 -7.95 2.00 22.82
CA LEU A 899 -7.17 3.23 22.90
C LEU A 899 -7.72 4.24 23.90
N GLY A 900 -9.02 4.16 24.18
CA GLY A 900 -9.64 5.01 25.18
C GLY A 900 -9.17 4.70 26.59
N LYS A 901 -8.90 3.42 26.86
CA LYS A 901 -8.51 2.95 28.18
C LYS A 901 -7.03 3.20 28.47
N THR A 902 -6.66 3.04 29.74
CA THR A 902 -5.25 3.01 30.15
C THR A 902 -4.69 1.63 29.82
N GLU A 903 -3.37 1.49 29.89
CA GLU A 903 -2.71 0.22 29.58
C GLU A 903 -3.14 -0.89 30.54
N GLU A 904 -3.39 -0.53 31.80
CA GLU A 904 -3.80 -1.49 32.82
C GLU A 904 -5.22 -1.99 32.55
N GLU A 905 -6.11 -1.06 32.20
CA GLU A 905 -7.50 -1.39 31.88
C GLU A 905 -7.60 -2.18 30.58
N ALA A 906 -6.85 -1.76 29.56
CA ALA A 906 -6.84 -2.44 28.27
C ALA A 906 -6.34 -3.88 28.40
N LEU A 907 -5.28 -4.06 29.18
CA LEU A 907 -4.71 -5.38 29.42
C LEU A 907 -5.68 -6.27 30.21
N LYS A 908 -6.34 -5.67 31.20
CA LYS A 908 -7.41 -6.36 31.94
C LYS A 908 -8.53 -6.79 30.99
N HIS A 909 -8.97 -5.86 30.14
CA HIS A 909 -10.01 -6.14 29.16
C HIS A 909 -9.60 -7.22 28.16
N PHE A 910 -8.33 -7.21 27.76
CA PHE A 910 -7.79 -8.21 26.84
C PHE A 910 -7.75 -9.60 27.48
N ARG A 911 -7.42 -9.65 28.76
CA ARG A 911 -7.35 -10.93 29.49
C ARG A 911 -8.73 -11.62 29.60
N VAL A 912 -9.79 -10.83 29.66
CA VAL A 912 -11.16 -11.38 29.66
C VAL A 912 -11.47 -12.02 28.32
N LYS A 913 -11.07 -11.36 27.23
CA LYS A 913 -11.30 -11.86 25.87
C LYS A 913 -10.50 -13.13 25.62
N PHE A 914 -9.28 -13.18 26.15
CA PHE A 914 -8.41 -14.36 26.05
C PHE A 914 -8.99 -15.54 26.81
N ASN A 915 -9.44 -15.30 28.03
CA ASN A 915 -10.03 -16.35 28.87
C ASN A 915 -11.33 -16.90 28.29
N GLU A 916 -12.16 -16.01 27.74
CA GLU A 916 -13.40 -16.43 27.06
C GLU A 916 -13.09 -17.31 25.84
N ALA A 917 -12.02 -16.96 25.12
CA ALA A 917 -11.56 -17.76 23.98
C ALA A 917 -11.03 -19.12 24.43
N LEU A 918 -10.43 -19.17 25.62
CA LEU A 918 -9.92 -20.41 26.19
C LEU A 918 -11.06 -21.34 26.58
N ARG A 919 -12.12 -20.78 27.17
CA ARG A 919 -13.32 -21.55 27.53
C ARG A 919 -14.01 -22.07 26.28
N GLU A 920 -14.02 -21.25 25.23
CA GLU A 920 -14.61 -21.62 23.93
C GLU A 920 -13.91 -22.83 23.33
N SER A 921 -12.61 -22.98 23.57
CA SER A 921 -11.85 -24.14 23.11
C SER A 921 -12.30 -25.40 23.87
N TRP A 922 -13.24 -26.14 23.26
CA TRP A 922 -13.88 -27.30 23.89
C TRP A 922 -14.46 -26.96 25.26
C1 E78 B . -1.63 -17.67 -0.30
C2 E78 B . -2.18 -19.26 -2.01
C3 E78 B . -1.35 -18.85 -0.99
C7 E78 B . -0.17 -19.62 -0.65
C8 E78 B . 1.03 -19.22 -0.10
C9 E78 B . 1.50 -21.36 -0.32
C10 E78 B . -4.62 -16.41 -1.86
C11 E78 B . 1.69 -23.75 -0.67
C12 E78 B . -3.21 -15.67 -0.09
C13 E78 B . -4.24 -12.66 -2.71
C14 E78 B . -4.89 -11.76 -1.70
C15 E78 B . -4.26 -13.05 -1.25
C16 E78 B . -4.17 -19.02 -3.50
C19 E78 B . -5.77 -13.99 0.48
C20 E78 B . -5.12 -14.20 -0.87
N23 E78 B . 2.22 -22.54 -0.28
C4 E78 B . -3.53 -17.38 -1.69
C5 E78 B . -2.73 -16.95 -0.68
C6 E78 B . -3.30 -18.54 -2.38
C17 E78 B . 1.41 -17.85 0.30
C18 E78 B . 2.64 -24.86 -0.38
N21 E78 B . 1.97 -20.20 0.08
N22 E78 B . -4.39 -15.44 -0.89
O24 E78 B . -5.49 -16.49 -2.71
O25 E78 B . 0.61 -23.95 -1.21
S26 E78 B . -0.10 -21.31 -0.94
#